data_9HPH
#
_entry.id   9HPH
#
_cell.length_a   125.385
_cell.length_b   125.385
_cell.length_c   126.399
_cell.angle_alpha   90.00
_cell.angle_beta   90.00
_cell.angle_gamma   90.00
#
_symmetry.space_group_name_H-M   'P 43 21 2'
#
loop_
_entity.id
_entity.type
_entity.pdbx_description
1 polymer 'Casein kinase II subunit alpha'
2 non-polymer 'SULFATE ION'
3 non-polymer DI(HYDROXYETHYL)ETHER
4 non-polymer ~{N}-[2-[4-[[4-(2-ethanoyl-5-fluoranyl-1~{H}-indol-3-yl)-1,2,3-triazol-1-yl]methyl]piperidin-1-yl]ethyl]-4-(2-fluoranyl-6-oxidanyl-phenyl)benzenesulfonamide
5 non-polymer 'CHLORIDE ION'
6 water water
#
_entity_poly.entity_id   1
_entity_poly.type   'polypeptide(L)'
_entity_poly.pdbx_seq_one_letter_code
;MHHHHHHSSGVDLGTENLYFQSMSGPVPSRARVYTDVNTHRPREYWDYESHVVEWGNQDDYQLVRKLGRGKYSEVFEAIN
ITNNEKVVVKILKPVKKKKIKREIKILENLRGGPNIITLADIVKDPVSRTPALVFEHVNNTDFKQLYQTLTDYDIRFYMY
EILKALDYCHSMGIMHRDVKPHNVMIDHEHRKLRLIDWGLAEFYHPGQEYNVRVASRYFKGPELLVDYQMYDYSLDMWSL
GCMLASMIFRKEPFFHGHDNYDQLVRIAKVLGTEDLYDYIDKYNIELDPRFNDILGRHSRKRWERFVHSENQHLVSPEAL
DFLDKLLRYDHQSRLTAREAMEHPYFYTVVKDQARMGSS
;
_entity_poly.pdbx_strand_id   A,B
#
loop_
_chem_comp.id
_chem_comp.type
_chem_comp.name
_chem_comp.formula
A1IWI non-polymer ~{N}-[2-[4-[[4-(2-ethanoyl-5-fluoranyl-1~{H}-indol-3-yl)-1,2,3-triazol-1-yl]methyl]piperidin-1-yl]ethyl]-4-(2-fluoranyl-6-oxidanyl-phenyl)benzenesulfonamide 'C32 H32 F2 N6 O4 S'
CL non-polymer 'CHLORIDE ION' 'Cl -1'
PEG non-polymer DI(HYDROXYETHYL)ETHER 'C4 H10 O3'
SO4 non-polymer 'SULFATE ION' 'O4 S -2'
#
# COMPACT_ATOMS: atom_id res chain seq x y z
N SER A 24 13.79 1.78 -34.89
CA SER A 24 12.43 1.52 -35.34
C SER A 24 11.44 2.43 -34.66
N GLY A 25 10.15 2.11 -34.82
CA GLY A 25 9.10 2.86 -34.20
C GLY A 25 8.54 2.13 -33.01
N PRO A 26 7.33 2.50 -32.57
CA PRO A 26 6.75 1.90 -31.37
C PRO A 26 6.55 0.40 -31.46
N VAL A 27 6.44 -0.22 -30.29
CA VAL A 27 6.16 -1.63 -30.18
C VAL A 27 4.64 -1.77 -30.16
N PRO A 28 4.06 -2.72 -30.87
CA PRO A 28 2.61 -2.83 -30.90
C PRO A 28 2.08 -3.26 -29.54
N SER A 29 0.79 -3.05 -29.36
CA SER A 29 0.14 -3.40 -28.11
C SER A 29 -1.27 -3.85 -28.42
N ARG A 30 -1.75 -4.79 -27.64
CA ARG A 30 -3.12 -5.28 -27.74
CA ARG A 30 -3.12 -5.27 -27.73
C ARG A 30 -3.70 -5.40 -26.34
N ALA A 31 -5.01 -5.16 -26.24
CA ALA A 31 -5.66 -5.17 -24.93
C ALA A 31 -5.67 -6.58 -24.35
N ARG A 32 -5.48 -6.68 -23.04
CA ARG A 32 -5.41 -7.97 -22.40
C ARG A 32 -6.76 -8.67 -22.35
N VAL A 33 -7.86 -7.94 -22.44
CA VAL A 33 -9.21 -8.51 -22.37
C VAL A 33 -10.05 -7.91 -23.48
N TYR A 34 -11.07 -8.66 -23.90
CA TYR A 34 -12.01 -8.20 -24.93
C TYR A 34 -11.27 -7.80 -26.19
N THR A 35 -10.16 -8.47 -26.46
CA THR A 35 -9.28 -8.03 -27.53
C THR A 35 -10.00 -8.01 -28.87
N ASP A 36 -10.58 -9.16 -29.27
CA ASP A 36 -11.13 -9.35 -30.61
C ASP A 36 -12.65 -9.25 -30.62
N VAL A 37 -13.22 -8.73 -29.53
CA VAL A 37 -14.67 -8.75 -29.37
C VAL A 37 -15.35 -8.12 -30.59
N ASN A 38 -14.76 -7.07 -31.15
CA ASN A 38 -15.40 -6.44 -32.30
C ASN A 38 -15.13 -7.18 -33.59
N THR A 39 -13.97 -7.85 -33.73
CA THR A 39 -13.72 -8.71 -34.89
C THR A 39 -14.81 -9.76 -35.04
N HIS A 40 -15.37 -10.24 -33.94
CA HIS A 40 -16.36 -11.29 -33.99
C HIS A 40 -17.77 -10.77 -34.20
N ARG A 41 -17.95 -9.49 -34.17
CA ARG A 41 -19.30 -8.99 -34.37
C ARG A 41 -19.53 -8.71 -35.85
N PRO A 42 -20.79 -8.67 -36.27
CA PRO A 42 -21.08 -8.27 -37.64
C PRO A 42 -20.61 -6.84 -37.86
N ARG A 43 -20.40 -6.50 -39.14
CA ARG A 43 -19.73 -5.26 -39.49
C ARG A 43 -20.52 -4.04 -39.02
N GLU A 44 -21.84 -4.08 -39.17
CA GLU A 44 -22.65 -2.92 -38.86
C GLU A 44 -22.54 -2.56 -37.38
N TYR A 45 -21.99 -3.45 -36.55
CA TYR A 45 -21.85 -3.15 -35.13
C TYR A 45 -20.88 -1.99 -34.89
N TRP A 46 -19.72 -2.01 -35.57
CA TRP A 46 -18.67 -1.03 -35.29
C TRP A 46 -18.38 -0.08 -36.43
N ASP A 47 -18.82 -0.41 -37.66
CA ASP A 47 -18.66 0.41 -38.85
C ASP A 47 -19.64 1.58 -38.79
N TYR A 48 -19.48 2.47 -37.80
CA TYR A 48 -20.48 3.51 -37.56
C TYR A 48 -20.55 4.52 -38.70
N GLU A 49 -19.51 4.63 -39.52
CA GLU A 49 -19.54 5.53 -40.67
C GLU A 49 -20.74 5.28 -41.58
N SER A 50 -21.29 4.08 -41.57
CA SER A 50 -22.37 3.74 -42.49
C SER A 50 -23.72 3.66 -41.80
N HIS A 51 -23.79 3.80 -40.49
CA HIS A 51 -25.07 3.87 -39.81
C HIS A 51 -25.88 5.04 -40.37
N VAL A 52 -27.10 4.76 -40.88
CA VAL A 52 -28.00 5.84 -41.28
C VAL A 52 -28.84 6.23 -40.06
N VAL A 53 -29.10 7.52 -39.89
CA VAL A 53 -29.81 8.00 -38.71
C VAL A 53 -31.19 8.44 -39.12
N GLU A 54 -32.17 8.17 -38.28
CA GLU A 54 -33.54 8.61 -38.48
C GLU A 54 -33.87 9.67 -37.44
N TRP A 55 -34.27 10.85 -37.91
CA TRP A 55 -34.52 12.01 -37.08
C TRP A 55 -35.99 12.16 -36.72
N GLY A 56 -36.24 12.59 -35.49
CA GLY A 56 -37.62 12.91 -35.09
C GLY A 56 -37.74 14.42 -35.10
N ASN A 57 -38.89 14.94 -34.66
CA ASN A 57 -39.07 16.41 -34.59
C ASN A 57 -38.74 16.87 -33.17
N GLN A 58 -37.82 17.82 -33.06
CA GLN A 58 -37.49 18.35 -31.71
C GLN A 58 -38.77 18.93 -31.13
N ASP A 59 -39.76 19.23 -31.96
CA ASP A 59 -40.96 19.82 -31.39
C ASP A 59 -41.76 18.86 -30.51
N ASP A 60 -41.37 17.60 -30.42
CA ASP A 60 -41.93 16.75 -29.37
C ASP A 60 -41.42 17.15 -27.99
N TYR A 61 -40.26 17.78 -27.94
CA TYR A 61 -39.57 18.07 -26.70
C TYR A 61 -39.52 19.58 -26.52
N GLN A 62 -39.97 20.05 -25.38
CA GLN A 62 -39.89 21.46 -25.03
C GLN A 62 -38.81 21.60 -23.96
N LEU A 63 -37.86 22.51 -24.19
CA LEU A 63 -36.81 22.75 -23.22
C LEU A 63 -37.34 23.48 -22.00
N VAL A 64 -36.94 23.01 -20.81
CA VAL A 64 -37.38 23.61 -19.57
C VAL A 64 -36.33 24.58 -19.06
N ARG A 65 -35.12 24.09 -18.85
CA ARG A 65 -34.04 24.94 -18.37
C ARG A 65 -32.73 24.34 -18.84
N LYS A 66 -31.66 25.13 -18.76
CA LYS A 66 -30.34 24.64 -19.12
C LYS A 66 -29.69 23.95 -17.92
N LEU A 67 -29.03 22.84 -18.20
CA LEU A 67 -28.35 22.05 -17.17
C LEU A 67 -26.84 22.14 -17.23
N GLY A 68 -26.27 22.61 -18.33
CA GLY A 68 -24.83 22.67 -18.44
C GLY A 68 -24.39 22.84 -19.88
N ARG A 69 -23.12 23.19 -20.04
CA ARG A 69 -22.56 23.37 -21.38
C ARG A 69 -21.30 22.52 -21.48
N GLY A 70 -20.45 22.84 -22.45
CA GLY A 70 -19.25 22.08 -22.70
C GLY A 70 -18.72 22.30 -24.10
N LYS A 71 -17.61 21.61 -24.38
CA LYS A 71 -16.94 21.73 -25.67
C LYS A 71 -17.87 21.33 -26.81
N TYR A 72 -18.63 20.25 -26.62
CA TYR A 72 -19.31 19.61 -27.73
C TYR A 72 -20.82 19.67 -27.64
N SER A 73 -21.37 20.31 -26.62
CA SER A 73 -22.82 20.28 -26.52
C SER A 73 -23.29 21.14 -25.36
N GLU A 74 -24.55 21.51 -25.42
CA GLU A 74 -25.31 22.02 -24.30
C GLU A 74 -26.36 21.00 -23.92
N VAL A 75 -26.68 20.98 -22.64
CA VAL A 75 -27.60 20.01 -22.09
C VAL A 75 -28.75 20.75 -21.40
N PHE A 76 -29.97 20.39 -21.78
CA PHE A 76 -31.19 21.00 -21.27
C PHE A 76 -32.07 19.95 -20.62
N GLU A 77 -32.71 20.33 -19.52
CA GLU A 77 -33.84 19.56 -19.05
C GLU A 77 -35.03 19.93 -19.92
N ALA A 78 -35.81 18.92 -20.32
CA ALA A 78 -36.93 19.13 -21.23
C ALA A 78 -38.10 18.24 -20.86
N ILE A 79 -39.25 18.55 -21.44
CA ILE A 79 -40.45 17.75 -21.29
C ILE A 79 -40.83 17.20 -22.66
N ASN A 80 -41.09 15.90 -22.71
CA ASN A 80 -41.69 15.27 -23.88
C ASN A 80 -43.19 15.56 -23.85
N ILE A 81 -43.67 16.38 -24.78
CA ILE A 81 -45.08 16.79 -24.73
C ILE A 81 -46.04 15.72 -25.21
N THR A 82 -45.58 14.58 -25.71
CA THR A 82 -46.57 13.57 -26.05
C THR A 82 -46.98 12.74 -24.84
N ASN A 83 -46.09 12.55 -23.85
CA ASN A 83 -46.42 11.78 -22.65
C ASN A 83 -46.03 12.47 -21.35
N ASN A 84 -45.70 13.77 -21.39
CA ASN A 84 -45.39 14.58 -20.22
C ASN A 84 -44.15 14.10 -19.46
N GLU A 85 -43.39 13.16 -20.02
CA GLU A 85 -42.21 12.66 -19.34
C GLU A 85 -41.08 13.67 -19.42
N LYS A 86 -40.30 13.75 -18.35
CA LYS A 86 -39.16 14.65 -18.30
C LYS A 86 -37.93 13.92 -18.82
N VAL A 87 -37.13 14.64 -19.60
CA VAL A 87 -36.03 14.05 -20.35
C VAL A 87 -34.90 15.06 -20.34
N VAL A 88 -33.75 14.63 -20.85
CA VAL A 88 -32.63 15.53 -21.09
C VAL A 88 -32.37 15.57 -22.58
N VAL A 89 -32.24 16.78 -23.12
CA VAL A 89 -31.91 17.04 -24.52
C VAL A 89 -30.48 17.56 -24.58
N LYS A 90 -29.66 16.88 -25.36
CA LYS A 90 -28.24 17.20 -25.50
C LYS A 90 -28.08 17.71 -26.93
N ILE A 91 -27.96 19.03 -27.07
CA ILE A 91 -27.87 19.68 -28.36
C ILE A 91 -26.41 19.70 -28.76
N LEU A 92 -26.10 19.08 -29.89
CA LEU A 92 -24.71 18.89 -30.32
C LEU A 92 -24.20 20.15 -30.97
N LYS A 93 -23.04 20.61 -30.54
CA LYS A 93 -22.34 21.62 -31.29
C LYS A 93 -21.69 20.97 -32.50
N PRO A 94 -21.28 21.75 -33.46
CA PRO A 94 -20.74 21.17 -34.70
C PRO A 94 -19.56 20.23 -34.46
N VAL A 95 -19.81 18.93 -34.48
CA VAL A 95 -18.75 17.94 -34.60
C VAL A 95 -18.78 17.34 -35.99
N LYS A 96 -17.69 16.66 -36.37
CA LYS A 96 -17.68 15.90 -37.60
C LYS A 96 -18.86 14.95 -37.65
N LYS A 97 -19.56 14.97 -38.77
CA LYS A 97 -20.73 14.15 -39.03
C LYS A 97 -20.52 12.70 -38.60
N LYS A 98 -19.33 12.13 -38.82
CA LYS A 98 -19.12 10.74 -38.42
C LYS A 98 -18.98 10.59 -36.91
N LYS A 99 -18.52 11.62 -36.19
CA LYS A 99 -18.51 11.49 -34.73
C LYS A 99 -19.92 11.42 -34.16
N ILE A 100 -20.88 12.06 -34.84
CA ILE A 100 -22.28 11.98 -34.42
C ILE A 100 -22.80 10.56 -34.59
N LYS A 101 -22.67 10.01 -35.81
CA LYS A 101 -22.95 8.59 -36.03
C LYS A 101 -22.25 7.73 -34.98
N ARG A 102 -20.98 8.03 -34.70
CA ARG A 102 -20.24 7.22 -33.74
C ARG A 102 -20.92 7.21 -32.38
N GLU A 103 -21.25 8.40 -31.86
CA GLU A 103 -21.83 8.46 -30.54
C GLU A 103 -23.16 7.72 -30.52
N ILE A 104 -23.99 7.98 -31.52
CA ILE A 104 -25.29 7.34 -31.63
C ILE A 104 -25.12 5.82 -31.69
N LYS A 105 -24.25 5.33 -32.57
CA LYS A 105 -24.11 3.89 -32.69
C LYS A 105 -23.64 3.28 -31.37
N ILE A 106 -22.72 3.98 -30.68
CA ILE A 106 -22.24 3.48 -29.39
C ILE A 106 -23.38 3.44 -28.39
N LEU A 107 -24.11 4.55 -28.26
CA LEU A 107 -25.24 4.63 -27.33
C LEU A 107 -26.26 3.53 -27.60
N GLU A 108 -26.59 3.32 -28.86
CA GLU A 108 -27.52 2.23 -29.17
C GLU A 108 -26.93 0.87 -28.84
N ASN A 109 -25.64 0.65 -29.12
CA ASN A 109 -25.07 -0.65 -28.82
C ASN A 109 -25.09 -0.91 -27.33
N LEU A 110 -24.86 0.12 -26.53
CA LEU A 110 -24.77 -0.02 -25.09
C LEU A 110 -26.12 0.10 -24.40
N ARG A 111 -27.17 0.49 -25.12
CA ARG A 111 -28.43 0.81 -24.46
C ARG A 111 -28.91 -0.39 -23.64
N GLY A 112 -29.40 -0.10 -22.44
CA GLY A 112 -29.82 -1.16 -21.53
C GLY A 112 -28.69 -1.79 -20.75
N GLY A 113 -27.43 -1.47 -21.05
CA GLY A 113 -26.32 -1.97 -20.26
C GLY A 113 -26.31 -1.37 -18.86
N PRO A 114 -25.60 -2.00 -17.93
CA PRO A 114 -25.63 -1.54 -16.54
C PRO A 114 -25.04 -0.14 -16.39
N ASN A 115 -25.86 0.80 -15.94
CA ASN A 115 -25.41 2.16 -15.63
C ASN A 115 -24.96 2.94 -16.84
N ILE A 116 -25.34 2.49 -18.05
CA ILE A 116 -25.18 3.28 -19.27
C ILE A 116 -26.39 4.20 -19.41
N ILE A 117 -26.14 5.49 -19.58
CA ILE A 117 -27.23 6.40 -19.89
C ILE A 117 -28.02 5.88 -21.09
N THR A 118 -29.34 5.87 -20.96
CA THR A 118 -30.21 5.37 -22.01
C THR A 118 -30.55 6.47 -23.01
N LEU A 119 -30.19 6.26 -24.28
CA LEU A 119 -30.58 7.18 -25.34
C LEU A 119 -32.02 6.89 -25.74
N ALA A 120 -32.87 7.92 -25.71
CA ALA A 120 -34.28 7.73 -26.02
C ALA A 120 -34.70 8.36 -27.33
N ASP A 121 -33.94 9.28 -27.89
CA ASP A 121 -34.40 9.83 -29.17
C ASP A 121 -33.28 10.60 -29.84
N ILE A 122 -33.49 10.87 -31.12
CA ILE A 122 -32.57 11.56 -32.00
C ILE A 122 -33.42 12.53 -32.81
N VAL A 123 -33.23 13.83 -32.60
CA VAL A 123 -34.04 14.86 -33.23
C VAL A 123 -33.13 15.92 -33.83
N LYS A 124 -33.72 16.69 -34.73
CA LYS A 124 -33.08 17.83 -35.35
C LYS A 124 -33.97 19.03 -35.14
N ASP A 125 -33.39 20.17 -34.82
CA ASP A 125 -34.18 21.39 -34.85
C ASP A 125 -34.81 21.52 -36.24
N PRO A 126 -36.13 21.74 -36.34
CA PRO A 126 -36.76 21.81 -37.67
C PRO A 126 -36.30 23.00 -38.52
N VAL A 127 -35.81 24.09 -37.92
CA VAL A 127 -35.31 25.22 -38.70
C VAL A 127 -33.80 25.17 -38.82
N SER A 128 -33.10 25.35 -37.70
CA SER A 128 -31.64 25.36 -37.71
C SER A 128 -31.04 24.01 -38.12
N ARG A 129 -31.79 22.92 -37.98
CA ARG A 129 -31.31 21.59 -38.35
C ARG A 129 -30.10 21.18 -37.50
N THR A 130 -30.02 21.72 -36.30
CA THR A 130 -29.04 21.22 -35.33
C THR A 130 -29.50 19.89 -34.74
N PRO A 131 -28.61 18.90 -34.64
CA PRO A 131 -29.02 17.61 -34.05
C PRO A 131 -28.91 17.61 -32.53
N ALA A 132 -29.86 16.95 -31.91
CA ALA A 132 -29.84 16.75 -30.47
C ALA A 132 -30.16 15.29 -30.18
N LEU A 133 -29.58 14.80 -29.10
CA LEU A 133 -29.88 13.48 -28.58
C LEU A 133 -30.75 13.65 -27.33
N VAL A 134 -31.67 12.71 -27.13
CA VAL A 134 -32.60 12.74 -26.01
C VAL A 134 -32.31 11.55 -25.13
N PHE A 135 -32.12 11.81 -23.82
CA PHE A 135 -31.75 10.78 -22.87
C PHE A 135 -32.78 10.71 -21.74
N GLU A 136 -32.73 9.59 -21.01
CA GLU A 136 -33.42 9.53 -19.73
C GLU A 136 -32.88 10.60 -18.81
N HIS A 137 -33.76 11.17 -17.99
CA HIS A 137 -33.37 12.18 -17.03
C HIS A 137 -32.74 11.54 -15.80
N VAL A 138 -31.57 12.05 -15.40
CA VAL A 138 -30.96 11.76 -14.12
C VAL A 138 -30.97 13.03 -13.27
N ASN A 139 -31.47 12.92 -12.05
CA ASN A 139 -31.64 14.08 -11.18
C ASN A 139 -30.39 14.23 -10.31
N ASN A 140 -29.50 15.13 -10.70
CA ASN A 140 -28.24 15.36 -9.99
C ASN A 140 -28.25 16.61 -9.14
N THR A 141 -29.38 17.28 -9.00
CA THR A 141 -29.38 18.54 -8.28
C THR A 141 -29.10 18.33 -6.78
N ASP A 142 -28.63 19.40 -6.14
CA ASP A 142 -28.01 19.31 -4.82
C ASP A 142 -26.91 18.26 -4.83
N PHE A 143 -25.94 18.48 -5.72
CA PHE A 143 -24.81 17.57 -5.85
C PHE A 143 -23.58 18.05 -5.10
N LYS A 144 -23.41 19.36 -4.95
CA LYS A 144 -22.31 19.88 -4.15
C LYS A 144 -22.34 19.30 -2.75
N GLN A 145 -23.54 19.07 -2.21
CA GLN A 145 -23.66 18.33 -0.97
C GLN A 145 -23.10 16.92 -1.12
N LEU A 146 -23.52 16.23 -2.19
CA LEU A 146 -23.07 14.87 -2.47
C LEU A 146 -21.54 14.78 -2.48
N TYR A 147 -20.90 15.54 -3.37
CA TYR A 147 -19.45 15.66 -3.41
C TYR A 147 -18.82 15.56 -2.03
N GLN A 148 -19.02 16.59 -1.21
CA GLN A 148 -18.31 16.79 0.04
C GLN A 148 -18.83 15.95 1.21
N THR A 149 -19.76 15.00 0.97
CA THR A 149 -20.33 14.23 2.06
C THR A 149 -20.54 12.74 1.74
N LEU A 150 -19.87 12.19 0.74
CA LEU A 150 -19.94 10.75 0.51
C LEU A 150 -19.10 10.02 1.54
N THR A 151 -19.70 9.03 2.19
CA THR A 151 -18.96 8.16 3.09
C THR A 151 -18.01 7.26 2.31
N ASP A 152 -17.01 6.73 3.02
CA ASP A 152 -16.14 5.73 2.43
C ASP A 152 -16.96 4.62 1.80
N TYR A 153 -18.04 4.22 2.47
CA TYR A 153 -18.90 3.19 1.89
C TYR A 153 -19.53 3.66 0.59
N ASP A 154 -20.07 4.89 0.58
CA ASP A 154 -20.74 5.39 -0.62
C ASP A 154 -19.77 5.49 -1.79
N ILE A 155 -18.52 5.86 -1.51
CA ILE A 155 -17.52 5.95 -2.56
C ILE A 155 -17.23 4.57 -3.14
N ARG A 156 -17.04 3.58 -2.26
CA ARG A 156 -16.94 2.20 -2.71
C ARG A 156 -18.15 1.80 -3.54
N PHE A 157 -19.35 2.12 -3.06
CA PHE A 157 -20.56 1.77 -3.78
C PHE A 157 -20.55 2.36 -5.19
N TYR A 158 -20.33 3.68 -5.28
CA TYR A 158 -20.43 4.32 -6.58
C TYR A 158 -19.26 3.97 -7.49
N MET A 159 -18.09 3.71 -6.92
CA MET A 159 -17.00 3.15 -7.72
C MET A 159 -17.42 1.84 -8.34
N TYR A 160 -18.08 0.98 -7.56
CA TYR A 160 -18.56 -0.28 -8.12
C TYR A 160 -19.54 -0.03 -9.27
N GLU A 161 -20.47 0.90 -9.07
CA GLU A 161 -21.42 1.22 -10.14
C GLU A 161 -20.68 1.71 -11.39
N ILE A 162 -19.64 2.51 -11.23
CA ILE A 162 -18.92 3.00 -12.40
C ILE A 162 -18.26 1.83 -13.12
N LEU A 163 -17.68 0.92 -12.34
CA LEU A 163 -16.98 -0.24 -12.86
C LEU A 163 -17.93 -1.18 -13.61
N LYS A 164 -19.16 -1.35 -13.09
CA LYS A 164 -20.15 -2.12 -13.81
C LYS A 164 -20.39 -1.53 -15.19
N ALA A 165 -20.32 -0.20 -15.29
CA ALA A 165 -20.55 0.42 -16.59
C ALA A 165 -19.35 0.23 -17.48
N LEU A 166 -18.15 0.23 -16.91
CA LEU A 166 -16.95 0.14 -17.74
C LEU A 166 -16.69 -1.29 -18.15
N ASP A 167 -16.92 -2.26 -17.27
CA ASP A 167 -16.78 -3.64 -17.72
C ASP A 167 -17.77 -3.93 -18.83
N TYR A 168 -18.99 -3.40 -18.73
CA TYR A 168 -19.96 -3.67 -19.78
C TYR A 168 -19.48 -3.09 -21.10
N CYS A 169 -19.13 -1.80 -21.11
CA CYS A 169 -18.82 -1.21 -22.39
C CYS A 169 -17.51 -1.78 -22.96
N HIS A 170 -16.52 -2.05 -22.10
CA HIS A 170 -15.31 -2.72 -22.58
C HIS A 170 -15.64 -4.10 -23.13
N SER A 171 -16.51 -4.85 -22.45
CA SER A 171 -16.88 -6.16 -22.94
C SER A 171 -17.64 -6.03 -24.25
N MET A 172 -18.26 -4.88 -24.51
CA MET A 172 -18.94 -4.61 -25.76
C MET A 172 -18.02 -3.97 -26.80
N GLY A 173 -16.72 -3.96 -26.54
CA GLY A 173 -15.76 -3.47 -27.50
C GLY A 173 -15.65 -1.96 -27.59
N ILE A 174 -16.02 -1.25 -26.54
CA ILE A 174 -16.11 0.20 -26.59
C ILE A 174 -15.29 0.84 -25.48
N MET A 175 -14.43 1.76 -25.88
CA MET A 175 -13.61 2.60 -25.01
C MET A 175 -14.34 3.90 -24.74
N HIS A 176 -14.50 4.27 -23.46
CA HIS A 176 -15.24 5.50 -23.17
C HIS A 176 -14.38 6.74 -23.40
N ARG A 177 -13.16 6.76 -22.85
CA ARG A 177 -12.10 7.72 -23.18
C ARG A 177 -12.28 9.08 -22.53
N ASP A 178 -13.35 9.30 -21.79
CA ASP A 178 -13.57 10.58 -21.14
C ASP A 178 -14.20 10.37 -19.77
N VAL A 179 -13.67 9.39 -19.02
CA VAL A 179 -14.17 9.14 -17.68
C VAL A 179 -13.63 10.22 -16.74
N LYS A 180 -14.50 10.73 -15.89
CA LYS A 180 -14.21 11.85 -15.01
C LYS A 180 -15.50 12.24 -14.33
N PRO A 181 -15.45 12.96 -13.21
CA PRO A 181 -16.66 13.13 -12.40
C PRO A 181 -17.79 13.77 -13.18
N HIS A 182 -17.48 14.71 -14.08
CA HIS A 182 -18.54 15.39 -14.82
C HIS A 182 -19.31 14.45 -15.74
N ASN A 183 -18.72 13.32 -16.14
CA ASN A 183 -19.41 12.37 -17.00
C ASN A 183 -20.02 11.23 -16.20
N VAL A 184 -20.10 11.37 -14.88
CA VAL A 184 -20.81 10.43 -14.04
C VAL A 184 -21.97 11.19 -13.40
N MET A 185 -23.19 10.73 -13.64
CA MET A 185 -24.38 11.34 -13.09
C MET A 185 -24.95 10.44 -12.00
N ILE A 186 -25.17 11.01 -10.82
CA ILE A 186 -25.67 10.24 -9.68
C ILE A 186 -26.91 10.93 -9.13
N ASP A 187 -27.91 10.13 -8.80
CA ASP A 187 -29.15 10.57 -8.17
C ASP A 187 -29.19 9.86 -6.82
N HIS A 188 -28.54 10.47 -5.82
CA HIS A 188 -28.25 9.76 -4.59
C HIS A 188 -29.52 9.31 -3.89
N GLU A 189 -30.56 10.15 -3.90
CA GLU A 189 -31.84 9.73 -3.34
C GLU A 189 -32.24 8.33 -3.78
N HIS A 190 -31.89 7.93 -5.01
CA HIS A 190 -32.22 6.59 -5.50
C HIS A 190 -30.97 5.79 -5.82
N ARG A 191 -29.86 6.12 -5.18
CA ARG A 191 -28.58 5.46 -5.43
C ARG A 191 -28.46 5.02 -6.89
N LYS A 192 -28.61 5.99 -7.79
CA LYS A 192 -28.66 5.76 -9.24
C LYS A 192 -27.46 6.46 -9.90
N LEU A 193 -26.62 5.69 -10.58
CA LEU A 193 -25.46 6.23 -11.26
C LEU A 193 -25.59 5.93 -12.75
N ARG A 194 -25.33 6.92 -13.58
CA ARG A 194 -25.28 6.72 -15.03
C ARG A 194 -23.98 7.30 -15.54
N LEU A 195 -23.32 6.53 -16.41
CA LEU A 195 -22.13 7.00 -17.10
C LEU A 195 -22.59 7.66 -18.39
N ILE A 196 -22.28 8.96 -18.55
CA ILE A 196 -22.86 9.77 -19.63
C ILE A 196 -21.80 10.30 -20.57
N ASP A 197 -22.23 11.09 -21.55
CA ASP A 197 -21.41 11.67 -22.61
C ASP A 197 -20.44 10.68 -23.23
N TRP A 198 -20.94 9.88 -24.16
CA TRP A 198 -20.14 8.92 -24.89
C TRP A 198 -19.57 9.52 -26.19
N GLY A 199 -19.64 10.83 -26.36
CA GLY A 199 -19.18 11.43 -27.60
C GLY A 199 -17.69 11.35 -27.83
N LEU A 200 -16.90 10.93 -26.85
CA LEU A 200 -15.50 10.61 -27.14
C LEU A 200 -15.25 9.11 -27.27
N ALA A 201 -16.24 8.27 -26.99
CA ALA A 201 -16.04 6.83 -27.01
C ALA A 201 -15.66 6.33 -28.40
N GLU A 202 -14.81 5.31 -28.44
CA GLU A 202 -14.44 4.62 -29.68
C GLU A 202 -14.54 3.12 -29.49
N PHE A 203 -14.76 2.39 -30.60
CA PHE A 203 -14.63 0.94 -30.62
C PHE A 203 -13.17 0.54 -30.56
N TYR A 204 -12.85 -0.48 -29.77
CA TYR A 204 -11.49 -0.98 -29.75
C TYR A 204 -11.27 -2.01 -30.85
N HIS A 205 -10.21 -1.84 -31.64
CA HIS A 205 -9.78 -2.80 -32.66
C HIS A 205 -8.30 -3.09 -32.48
N PRO A 206 -7.89 -4.35 -32.33
CA PRO A 206 -6.46 -4.65 -32.18
C PRO A 206 -5.64 -4.04 -33.31
N GLY A 207 -4.61 -3.29 -32.94
CA GLY A 207 -3.69 -2.73 -33.89
C GLY A 207 -4.05 -1.36 -34.39
N GLN A 208 -5.23 -0.87 -34.07
CA GLN A 208 -5.61 0.47 -34.50
C GLN A 208 -4.94 1.53 -33.62
N GLU A 209 -4.48 2.59 -34.26
CA GLU A 209 -3.84 3.68 -33.56
C GLU A 209 -4.83 4.81 -33.45
N TYR A 210 -5.11 5.22 -32.21
CA TYR A 210 -6.17 6.16 -31.91
C TYR A 210 -5.61 7.57 -31.76
N ASN A 211 -6.54 8.52 -31.66
CA ASN A 211 -6.18 9.91 -31.42
C ASN A 211 -5.84 10.09 -29.95
N VAL A 212 -4.65 10.62 -29.67
CA VAL A 212 -4.30 10.82 -28.28
C VAL A 212 -4.92 12.10 -27.71
N ARG A 213 -5.43 13.00 -28.55
CA ARG A 213 -6.01 14.24 -28.06
C ARG A 213 -7.44 14.03 -27.56
N VAL A 214 -7.57 13.12 -26.58
CA VAL A 214 -8.86 12.77 -25.98
C VAL A 214 -8.78 12.93 -24.47
N ALA A 215 -9.94 12.85 -23.82
CA ALA A 215 -10.08 12.97 -22.38
C ALA A 215 -9.77 14.38 -21.91
N SER A 216 -9.99 14.62 -20.64
CA SER A 216 -9.75 15.92 -20.03
C SER A 216 -8.38 15.88 -19.39
N ARG A 217 -7.66 17.01 -19.51
CA ARG A 217 -6.26 17.11 -19.15
C ARG A 217 -5.90 16.36 -17.87
N TYR A 218 -6.67 16.57 -16.80
CA TYR A 218 -6.26 15.97 -15.54
C TYR A 218 -6.46 14.48 -15.50
N PHE A 219 -7.14 13.91 -16.50
CA PHE A 219 -7.51 12.50 -16.54
C PHE A 219 -6.83 11.75 -17.67
N LYS A 220 -6.09 12.44 -18.52
CA LYS A 220 -5.32 11.81 -19.59
C LYS A 220 -4.34 10.79 -19.04
N GLY A 221 -4.37 9.57 -19.59
CA GLY A 221 -3.40 8.55 -19.26
C GLY A 221 -2.02 8.84 -19.80
N PRO A 222 -1.00 8.31 -19.14
CA PRO A 222 0.38 8.44 -19.67
C PRO A 222 0.51 8.09 -21.15
N GLU A 223 -0.19 7.07 -21.61
CA GLU A 223 -0.14 6.74 -23.04
C GLU A 223 -0.49 7.96 -23.90
N LEU A 224 -1.51 8.72 -23.50
CA LEU A 224 -1.89 9.90 -24.27
C LEU A 224 -0.83 11.00 -24.17
N LEU A 225 -0.17 11.12 -23.00
CA LEU A 225 0.81 12.20 -22.79
C LEU A 225 2.12 11.95 -23.51
N VAL A 226 2.46 10.69 -23.78
CA VAL A 226 3.66 10.35 -24.54
C VAL A 226 3.35 10.04 -25.99
N ASP A 227 2.10 10.15 -26.39
CA ASP A 227 1.74 9.95 -27.78
C ASP A 227 1.89 8.48 -28.19
N TYR A 228 1.44 7.56 -27.35
CA TYR A 228 1.40 6.16 -27.72
C TYR A 228 -0.01 5.87 -28.23
N GLN A 229 -0.16 5.69 -29.54
CA GLN A 229 -1.48 5.73 -30.13
C GLN A 229 -2.23 4.42 -30.06
N MET A 230 -1.56 3.31 -29.74
CA MET A 230 -2.20 2.00 -29.84
C MET A 230 -2.68 1.54 -28.47
N TYR A 231 -3.57 2.33 -27.90
CA TYR A 231 -4.04 2.10 -26.54
C TYR A 231 -5.40 1.41 -26.56
N ASP A 232 -5.90 1.08 -25.37
CA ASP A 232 -7.08 0.24 -25.31
C ASP A 232 -7.93 0.65 -24.12
N TYR A 233 -8.78 -0.25 -23.66
CA TYR A 233 -9.72 0.03 -22.60
C TYR A 233 -9.00 0.42 -21.32
N SER A 234 -7.76 -0.02 -21.16
CA SER A 234 -7.05 0.28 -19.92
C SER A 234 -7.02 1.78 -19.66
N LEU A 235 -7.10 2.60 -20.71
CA LEU A 235 -7.11 4.04 -20.53
C LEU A 235 -8.20 4.47 -19.57
N ASP A 236 -9.40 3.92 -19.74
CA ASP A 236 -10.49 4.30 -18.86
C ASP A 236 -10.14 4.03 -17.40
N MET A 237 -9.32 3.02 -17.16
CA MET A 237 -9.01 2.67 -15.78
C MET A 237 -7.98 3.62 -15.19
N TRP A 238 -7.06 4.15 -16.00
CA TRP A 238 -6.25 5.24 -15.49
C TRP A 238 -7.13 6.41 -15.07
N SER A 239 -8.14 6.73 -15.89
CA SER A 239 -9.05 7.82 -15.54
C SER A 239 -9.83 7.47 -14.28
N LEU A 240 -10.35 6.26 -14.20
CA LEU A 240 -10.97 5.85 -12.96
C LEU A 240 -10.03 6.07 -11.77
N GLY A 241 -8.75 5.78 -11.97
CA GLY A 241 -7.79 5.98 -10.89
C GLY A 241 -7.73 7.43 -10.43
N CYS A 242 -7.77 8.38 -11.39
CA CYS A 242 -7.66 9.78 -11.00
C CYS A 242 -8.88 10.24 -10.23
N MET A 243 -10.07 9.69 -10.53
CA MET A 243 -11.22 10.08 -9.71
C MET A 243 -11.15 9.48 -8.31
N LEU A 244 -10.71 8.23 -8.18
CA LEU A 244 -10.64 7.63 -6.86
C LEU A 244 -9.66 8.40 -5.98
N ALA A 245 -8.47 8.69 -6.52
CA ALA A 245 -7.46 9.41 -5.76
C ALA A 245 -7.97 10.79 -5.33
N SER A 246 -8.62 11.52 -6.25
CA SER A 246 -9.07 12.86 -5.89
C SER A 246 -10.29 12.83 -4.98
N MET A 247 -11.09 11.75 -5.02
CA MET A 247 -12.15 11.56 -4.02
C MET A 247 -11.56 11.29 -2.63
N ILE A 248 -10.67 10.31 -2.51
CA ILE A 248 -10.33 9.83 -1.18
C ILE A 248 -9.30 10.74 -0.52
N PHE A 249 -8.43 11.40 -1.30
CA PHE A 249 -7.51 12.37 -0.76
C PHE A 249 -8.11 13.76 -0.63
N ARG A 250 -9.22 14.03 -1.33
CA ARG A 250 -9.76 15.38 -1.37
C ARG A 250 -8.71 16.35 -1.92
N LYS A 251 -8.31 16.09 -3.16
CA LYS A 251 -7.40 16.95 -3.92
C LYS A 251 -7.91 16.95 -5.36
N GLU A 252 -8.72 17.95 -5.73
CA GLU A 252 -9.33 17.99 -7.06
C GLU A 252 -8.59 19.02 -7.89
N PRO A 253 -7.91 18.64 -8.98
CA PRO A 253 -7.63 17.28 -9.45
C PRO A 253 -6.44 16.68 -8.74
N PHE A 254 -6.27 15.36 -8.82
CA PHE A 254 -5.12 14.78 -8.15
C PHE A 254 -3.83 15.16 -8.85
N PHE A 255 -3.81 15.06 -10.17
CA PHE A 255 -2.64 15.42 -10.98
C PHE A 255 -2.97 16.76 -11.63
N HIS A 256 -2.52 17.85 -11.02
CA HIS A 256 -2.90 19.20 -11.41
C HIS A 256 -1.84 19.78 -12.34
N GLY A 257 -1.85 19.31 -13.58
CA GLY A 257 -0.90 19.81 -14.57
C GLY A 257 -1.38 21.07 -15.25
N HIS A 258 -0.43 21.88 -15.71
CA HIS A 258 -0.74 23.16 -16.33
C HIS A 258 -0.70 23.12 -17.85
N ASP A 259 -0.23 22.02 -18.44
CA ASP A 259 -0.50 21.72 -19.84
C ASP A 259 -0.22 20.23 -20.03
N ASN A 260 -0.35 19.76 -21.27
CA ASN A 260 -0.19 18.33 -21.52
C ASN A 260 1.20 17.85 -21.12
N TYR A 261 2.23 18.62 -21.46
CA TYR A 261 3.58 18.24 -21.07
C TYR A 261 3.70 18.16 -19.55
N ASP A 262 3.44 19.28 -18.88
CA ASP A 262 3.51 19.34 -17.42
C ASP A 262 2.55 18.35 -16.76
N GLN A 263 1.48 17.94 -17.45
CA GLN A 263 0.64 16.91 -16.86
C GLN A 263 1.46 15.65 -16.57
N LEU A 264 2.33 15.26 -17.52
CA LEU A 264 3.14 14.07 -17.32
C LEU A 264 4.16 14.28 -16.21
N VAL A 265 4.74 15.49 -16.12
CA VAL A 265 5.64 15.79 -15.02
C VAL A 265 4.93 15.58 -13.69
N ARG A 266 3.69 16.07 -13.57
CA ARG A 266 2.98 15.92 -12.32
CA ARG A 266 2.94 15.92 -12.34
C ARG A 266 2.77 14.44 -11.99
N ILE A 267 2.53 13.60 -13.00
CA ILE A 267 2.45 12.16 -12.75
C ILE A 267 3.80 11.62 -12.36
N ALA A 268 4.87 12.07 -13.03
CA ALA A 268 6.22 11.64 -12.68
C ALA A 268 6.56 11.96 -11.23
N LYS A 269 6.01 13.06 -10.69
CA LYS A 269 6.36 13.47 -9.34
C LYS A 269 5.74 12.58 -8.29
N VAL A 270 4.69 11.84 -8.66
CA VAL A 270 4.07 10.86 -7.80
C VAL A 270 4.50 9.43 -8.14
N LEU A 271 4.29 9.00 -9.39
CA LEU A 271 4.65 7.64 -9.78
C LEU A 271 6.16 7.44 -9.90
N GLY A 272 6.94 8.50 -10.04
CA GLY A 272 8.38 8.37 -10.21
C GLY A 272 8.76 8.30 -11.68
N THR A 273 10.03 8.62 -11.94
CA THR A 273 10.45 8.57 -13.33
C THR A 273 11.01 7.21 -13.72
N GLU A 274 11.48 6.41 -12.77
CA GLU A 274 12.08 5.14 -13.13
C GLU A 274 11.06 4.27 -13.88
N ASP A 275 9.83 4.20 -13.36
CA ASP A 275 8.82 3.37 -14.01
C ASP A 275 8.38 4.01 -15.32
N LEU A 276 8.41 5.34 -15.41
CA LEU A 276 8.04 6.01 -16.65
C LEU A 276 9.03 5.67 -17.75
N TYR A 277 10.33 5.82 -17.46
CA TYR A 277 11.35 5.54 -18.45
C TYR A 277 11.47 4.06 -18.77
N ASP A 278 11.01 3.18 -17.87
CA ASP A 278 10.98 1.76 -18.21
C ASP A 278 9.84 1.47 -19.16
N TYR A 279 8.70 2.13 -18.95
CA TYR A 279 7.58 2.08 -19.89
C TYR A 279 7.99 2.60 -21.25
N ILE A 280 8.59 3.79 -21.29
CA ILE A 280 9.03 4.33 -22.56
C ILE A 280 9.91 3.33 -23.29
N ASP A 281 10.84 2.72 -22.57
CA ASP A 281 11.76 1.77 -23.19
C ASP A 281 11.02 0.52 -23.63
N LYS A 282 10.05 0.05 -22.83
CA LYS A 282 9.39 -1.20 -23.13
C LYS A 282 8.68 -1.13 -24.48
N TYR A 283 8.02 -0.01 -24.76
CA TYR A 283 7.24 0.18 -25.98
C TYR A 283 8.00 0.97 -27.03
N ASN A 284 9.29 1.21 -26.83
CA ASN A 284 10.11 1.95 -27.79
C ASN A 284 9.46 3.27 -28.18
N ILE A 285 8.94 3.97 -27.17
CA ILE A 285 8.21 5.23 -27.37
C ILE A 285 9.20 6.35 -27.68
N GLU A 286 8.98 7.03 -28.79
CA GLU A 286 9.71 8.26 -29.09
C GLU A 286 9.17 9.36 -28.18
N LEU A 287 10.03 9.88 -27.32
CA LEU A 287 9.61 10.89 -26.37
C LEU A 287 9.89 12.27 -26.94
N ASP A 288 8.87 13.12 -26.95
CA ASP A 288 9.03 14.50 -27.40
C ASP A 288 10.23 15.13 -26.71
N PRO A 289 11.09 15.83 -27.47
CA PRO A 289 12.29 16.39 -26.83
C PRO A 289 11.95 17.49 -25.84
N ARG A 290 10.73 18.02 -25.87
CA ARG A 290 10.31 18.95 -24.83
C ARG A 290 10.39 18.30 -23.46
N PHE A 291 9.94 17.05 -23.33
CA PHE A 291 10.00 16.38 -22.03
C PHE A 291 11.40 16.27 -21.48
N ASN A 292 12.43 16.47 -22.32
CA ASN A 292 13.80 16.31 -21.86
C ASN A 292 14.04 17.09 -20.58
N ASP A 293 13.93 18.41 -20.66
CA ASP A 293 14.34 19.25 -19.54
C ASP A 293 13.40 19.19 -18.35
N ILE A 294 12.13 18.84 -18.56
CA ILE A 294 11.10 19.03 -17.54
C ILE A 294 10.85 17.77 -16.73
N LEU A 295 10.88 16.59 -17.38
CA LEU A 295 10.57 15.36 -16.65
C LEU A 295 11.49 15.17 -15.45
N GLY A 296 12.78 15.48 -15.61
CA GLY A 296 13.72 15.40 -14.49
C GLY A 296 13.88 14.00 -13.92
N ARG A 297 14.19 13.95 -12.62
CA ARG A 297 14.43 12.72 -11.86
C ARG A 297 13.61 12.77 -10.57
N HIS A 298 12.64 11.84 -10.45
CA HIS A 298 11.73 11.83 -9.32
C HIS A 298 11.48 10.42 -8.79
N SER A 299 11.58 10.28 -7.47
CA SER A 299 11.31 9.02 -6.80
C SER A 299 9.80 8.78 -6.79
N ARG A 300 9.42 7.51 -6.70
CA ARG A 300 8.01 7.14 -6.59
C ARG A 300 7.55 7.38 -5.16
N LYS A 301 6.45 8.12 -5.01
CA LYS A 301 5.97 8.52 -3.69
C LYS A 301 5.11 7.42 -3.07
N ARG A 302 5.13 7.36 -1.75
CA ARG A 302 4.17 6.54 -1.02
C ARG A 302 2.85 7.29 -0.88
N TRP A 303 1.74 6.56 -0.99
CA TRP A 303 0.43 7.17 -0.92
C TRP A 303 0.17 7.88 0.40
N GLU A 304 0.97 7.63 1.43
CA GLU A 304 0.73 8.26 2.73
C GLU A 304 0.93 9.77 2.68
N ARG A 305 1.86 10.25 1.86
CA ARG A 305 2.08 11.69 1.88
C ARG A 305 0.91 12.48 1.32
N PHE A 306 -0.19 11.83 0.93
CA PHE A 306 -1.40 12.56 0.54
C PHE A 306 -2.52 12.39 1.55
N VAL A 307 -2.25 11.76 2.67
CA VAL A 307 -3.23 11.57 3.72
C VAL A 307 -3.04 12.64 4.79
N HIS A 308 -4.14 13.07 5.38
CA HIS A 308 -4.13 14.02 6.48
C HIS A 308 -5.47 13.88 7.20
N SER A 309 -5.60 14.59 8.31
CA SER A 309 -6.77 14.42 9.16
C SER A 309 -8.08 14.71 8.44
N GLU A 310 -8.09 15.49 7.35
CA GLU A 310 -9.35 15.84 6.71
C GLU A 310 -9.85 14.76 5.76
N ASN A 311 -8.97 13.86 5.31
CA ASN A 311 -9.38 12.82 4.40
C ASN A 311 -9.11 11.41 4.91
N GLN A 312 -8.57 11.25 6.13
CA GLN A 312 -8.19 9.90 6.56
C GLN A 312 -9.40 8.97 6.60
N HIS A 313 -10.58 9.51 6.92
CA HIS A 313 -11.78 8.70 7.00
C HIS A 313 -12.14 8.00 5.68
N LEU A 314 -11.57 8.44 4.56
CA LEU A 314 -11.88 7.82 3.26
C LEU A 314 -10.72 6.98 2.75
N VAL A 315 -9.61 6.93 3.47
CA VAL A 315 -8.41 6.22 3.05
C VAL A 315 -8.29 4.96 3.89
N SER A 316 -8.00 3.87 3.25
CA SER A 316 -7.80 2.64 4.00
C SER A 316 -6.69 1.88 3.31
N PRO A 317 -6.15 0.84 3.93
CA PRO A 317 -5.23 -0.04 3.18
C PRO A 317 -5.86 -0.56 1.89
N GLU A 318 -7.09 -1.06 1.95
CA GLU A 318 -7.69 -1.61 0.74
C GLU A 318 -7.80 -0.55 -0.35
N ALA A 319 -8.23 0.65 0.02
CA ALA A 319 -8.36 1.73 -0.96
C ALA A 319 -7.02 2.06 -1.60
N LEU A 320 -5.93 2.01 -0.83
CA LEU A 320 -4.63 2.36 -1.37
C LEU A 320 -4.05 1.23 -2.22
N ASP A 321 -4.25 -0.03 -1.82
CA ASP A 321 -3.88 -1.13 -2.69
C ASP A 321 -4.65 -1.05 -4.01
N PHE A 322 -5.96 -0.86 -3.93
CA PHE A 322 -6.76 -0.75 -5.13
C PHE A 322 -6.25 0.37 -6.03
N LEU A 323 -6.01 1.55 -5.45
CA LEU A 323 -5.67 2.71 -6.26
C LEU A 323 -4.29 2.57 -6.87
N ASP A 324 -3.33 2.07 -6.10
CA ASP A 324 -2.00 1.82 -6.64
C ASP A 324 -2.06 0.91 -7.85
N LYS A 325 -3.02 -0.02 -7.87
CA LYS A 325 -3.10 -0.97 -8.97
C LYS A 325 -3.79 -0.41 -10.20
N LEU A 326 -4.39 0.77 -10.10
CA LEU A 326 -4.95 1.46 -11.27
C LEU A 326 -3.97 2.45 -11.88
N LEU A 327 -3.18 3.13 -11.05
CA LEU A 327 -2.35 4.24 -11.56
C LEU A 327 -0.96 3.72 -11.90
N ARG A 328 -0.86 3.03 -13.03
CA ARG A 328 0.42 2.53 -13.54
C ARG A 328 0.67 3.11 -14.92
N TYR A 329 1.95 3.41 -15.20
CA TYR A 329 2.34 3.90 -16.51
C TYR A 329 1.94 2.90 -17.58
N ASP A 330 2.37 1.65 -17.41
CA ASP A 330 2.14 0.58 -18.37
C ASP A 330 0.67 0.21 -18.35
N HIS A 331 -0.07 0.66 -19.39
CA HIS A 331 -1.50 0.38 -19.47
C HIS A 331 -1.80 -1.12 -19.39
N GLN A 332 -0.92 -1.93 -19.98
CA GLN A 332 -1.17 -3.35 -19.98
C GLN A 332 -1.17 -3.94 -18.57
N SER A 333 -0.60 -3.24 -17.61
CA SER A 333 -0.46 -3.77 -16.26
C SER A 333 -1.47 -3.18 -15.27
N ARG A 334 -2.33 -2.24 -15.70
CA ARG A 334 -3.40 -1.76 -14.84
C ARG A 334 -4.49 -2.81 -14.72
N LEU A 335 -5.23 -2.74 -13.61
CA LEU A 335 -6.35 -3.67 -13.41
C LEU A 335 -7.38 -3.43 -14.49
N THR A 336 -7.87 -4.52 -15.10
CA THR A 336 -9.08 -4.46 -15.90
C THR A 336 -10.28 -4.12 -15.03
N ALA A 337 -11.37 -3.67 -15.66
CA ALA A 337 -12.57 -3.36 -14.89
C ALA A 337 -12.96 -4.56 -14.03
N ARG A 338 -13.04 -5.73 -14.65
CA ARG A 338 -13.45 -6.94 -13.94
C ARG A 338 -12.53 -7.23 -12.77
N GLU A 339 -11.23 -7.23 -13.01
CA GLU A 339 -10.27 -7.41 -11.92
C GLU A 339 -10.51 -6.39 -10.81
N ALA A 340 -10.81 -5.15 -11.18
CA ALA A 340 -11.06 -4.13 -10.16
C ALA A 340 -12.24 -4.51 -9.27
N MET A 341 -13.40 -4.79 -9.88
CA MET A 341 -14.55 -5.21 -9.08
C MET A 341 -14.24 -6.39 -8.16
N GLU A 342 -13.18 -7.14 -8.43
CA GLU A 342 -12.83 -8.25 -7.54
C GLU A 342 -11.88 -7.85 -6.43
N HIS A 343 -11.49 -6.57 -6.34
CA HIS A 343 -10.52 -6.16 -5.33
C HIS A 343 -11.15 -6.15 -3.94
N PRO A 344 -10.38 -6.44 -2.90
CA PRO A 344 -10.95 -6.41 -1.54
C PRO A 344 -11.65 -5.10 -1.18
N TYR A 345 -11.24 -3.98 -1.78
CA TYR A 345 -11.91 -2.70 -1.52
C TYR A 345 -13.44 -2.83 -1.61
N PHE A 346 -13.93 -3.59 -2.58
CA PHE A 346 -15.35 -3.74 -2.82
C PHE A 346 -15.96 -4.95 -2.12
N TYR A 347 -15.19 -5.63 -1.25
CA TYR A 347 -15.71 -6.83 -0.60
C TYR A 347 -17.03 -6.54 0.10
N THR A 348 -17.14 -5.37 0.70
CA THR A 348 -18.34 -5.05 1.48
C THR A 348 -19.51 -4.73 0.57
N VAL A 349 -19.27 -3.94 -0.48
CA VAL A 349 -20.32 -3.63 -1.45
C VAL A 349 -20.89 -4.90 -2.07
N VAL A 350 -19.99 -5.80 -2.50
CA VAL A 350 -20.44 -7.06 -3.10
C VAL A 350 -21.35 -7.83 -2.15
N LYS A 351 -21.02 -7.81 -0.85
CA LYS A 351 -21.82 -8.55 0.12
C LYS A 351 -23.24 -8.01 0.19
N ASP A 352 -23.39 -6.69 0.28
CA ASP A 352 -24.72 -6.12 0.46
C ASP A 352 -25.60 -6.45 -0.74
N GLN A 353 -25.09 -6.22 -1.94
CA GLN A 353 -25.79 -6.64 -3.15
C GLN A 353 -26.03 -8.14 -3.14
N ALA A 354 -27.04 -8.59 -2.40
CA ALA A 354 -27.35 -10.01 -2.19
C ALA A 354 -28.24 -10.21 -0.97
N SER B 24 32.03 17.29 9.11
CA SER B 24 31.05 17.93 9.98
C SER B 24 30.41 16.92 10.96
N GLY B 25 30.12 15.70 10.48
CA GLY B 25 29.70 14.63 11.35
C GLY B 25 28.22 14.29 11.25
N PRO B 26 27.84 13.11 11.76
CA PRO B 26 26.43 12.70 11.67
C PRO B 26 25.51 13.69 12.35
N VAL B 27 24.28 13.80 11.85
CA VAL B 27 23.28 14.66 12.49
C VAL B 27 22.66 13.91 13.66
N PRO B 28 22.45 14.57 14.79
CA PRO B 28 21.92 13.86 15.97
C PRO B 28 20.47 13.46 15.74
N SER B 29 20.03 12.50 16.54
CA SER B 29 18.67 12.02 16.47
C SER B 29 18.18 11.71 17.87
N ARG B 30 16.90 11.96 18.10
CA ARG B 30 16.20 11.56 19.32
C ARG B 30 15.06 10.63 18.98
N ALA B 31 14.88 9.58 19.77
CA ALA B 31 13.63 8.82 19.70
C ALA B 31 12.45 9.77 19.85
N ARG B 32 11.37 9.50 19.12
CA ARG B 32 10.22 10.40 19.20
C ARG B 32 9.14 9.91 20.18
N VAL B 33 9.38 8.81 20.89
CA VAL B 33 8.53 8.42 22.01
C VAL B 33 9.46 7.92 23.10
N TYR B 34 9.00 8.00 24.34
CA TYR B 34 9.77 7.50 25.48
C TYR B 34 11.19 8.09 25.50
N THR B 35 11.33 9.30 24.96
CA THR B 35 12.66 9.87 24.78
C THR B 35 13.44 10.00 26.10
N ASP B 36 12.86 10.65 27.09
CA ASP B 36 13.55 10.97 28.34
C ASP B 36 13.09 10.09 29.50
N VAL B 37 12.47 8.95 29.21
CA VAL B 37 11.90 8.13 30.26
C VAL B 37 12.95 7.76 31.30
N ASN B 38 14.16 7.38 30.85
CA ASN B 38 15.20 7.01 31.81
C ASN B 38 15.66 8.22 32.59
N THR B 39 15.70 9.41 31.96
CA THR B 39 16.16 10.60 32.66
C THR B 39 15.37 10.82 33.94
N HIS B 40 14.08 10.50 33.93
CA HIS B 40 13.18 10.79 35.04
C HIS B 40 13.16 9.72 36.11
N ARG B 41 13.89 8.63 35.94
CA ARG B 41 14.03 7.54 36.90
C ARG B 41 15.16 7.80 37.89
N PRO B 42 15.18 7.11 39.02
CA PRO B 42 16.39 7.11 39.85
C PRO B 42 17.55 6.58 39.05
N ARG B 43 18.77 7.06 39.33
CA ARG B 43 19.83 6.63 38.43
C ARG B 43 20.04 5.12 38.50
N GLU B 44 19.81 4.52 39.66
CA GLU B 44 20.02 3.08 39.77
C GLU B 44 19.12 2.30 38.83
N TYR B 45 18.02 2.88 38.34
CA TYR B 45 17.19 2.15 37.39
C TYR B 45 17.99 1.73 36.16
N TRP B 46 18.80 2.64 35.62
CA TRP B 46 19.51 2.40 34.38
C TRP B 46 21.02 2.31 34.57
N ASP B 47 21.53 2.59 35.76
CA ASP B 47 22.97 2.55 36.02
C ASP B 47 23.34 1.13 36.47
N TYR B 48 23.32 0.21 35.50
CA TYR B 48 23.50 -1.20 35.85
C TYR B 48 24.93 -1.52 36.27
N GLU B 49 25.91 -0.65 36.00
CA GLU B 49 27.25 -0.99 36.43
C GLU B 49 27.36 -1.03 37.95
N SER B 50 26.52 -0.29 38.66
CA SER B 50 26.59 -0.28 40.11
C SER B 50 25.69 -1.33 40.75
N HIS B 51 24.97 -2.10 39.95
CA HIS B 51 24.05 -3.11 40.47
C HIS B 51 24.82 -4.25 41.12
N VAL B 52 24.38 -4.65 42.32
CA VAL B 52 24.96 -5.77 43.03
C VAL B 52 24.08 -6.99 42.82
N VAL B 53 24.64 -8.07 42.30
CA VAL B 53 23.89 -9.30 42.12
C VAL B 53 24.29 -10.28 43.21
N GLU B 54 23.30 -10.94 43.80
CA GLU B 54 23.55 -12.06 44.71
C GLU B 54 23.25 -13.36 43.97
N TRP B 55 24.24 -14.26 43.99
CA TRP B 55 24.28 -15.46 43.16
C TRP B 55 23.86 -16.69 43.96
N GLY B 56 22.81 -17.35 43.51
CA GLY B 56 22.43 -18.61 44.09
C GLY B 56 23.36 -19.72 43.65
N ASN B 57 22.96 -20.94 43.98
CA ASN B 57 23.76 -22.12 43.71
C ASN B 57 23.04 -22.94 42.64
N GLN B 58 23.68 -23.09 41.46
CA GLN B 58 23.06 -23.86 40.39
C GLN B 58 22.68 -25.26 40.83
N ASP B 59 23.35 -25.79 41.86
CA ASP B 59 22.99 -27.09 42.38
C ASP B 59 21.53 -27.19 42.84
N ASP B 60 20.82 -26.06 43.01
CA ASP B 60 19.38 -26.14 43.14
C ASP B 60 18.71 -26.65 41.85
N TYR B 61 19.43 -26.76 40.77
CA TYR B 61 18.83 -27.12 39.48
C TYR B 61 19.55 -28.29 38.87
N GLN B 62 18.77 -29.19 38.31
CA GLN B 62 19.29 -30.37 37.65
C GLN B 62 19.03 -30.18 36.18
N LEU B 63 20.08 -30.10 35.38
CA LEU B 63 19.88 -29.96 33.94
C LEU B 63 19.24 -31.21 33.38
N VAL B 64 18.16 -31.02 32.61
CA VAL B 64 17.44 -32.13 32.00
C VAL B 64 17.94 -32.38 30.59
N ARG B 65 17.99 -31.33 29.77
CA ARG B 65 18.40 -31.53 28.39
C ARG B 65 18.68 -30.16 27.79
N LYS B 66 19.44 -30.15 26.69
CA LYS B 66 19.78 -28.91 26.01
C LYS B 66 18.61 -28.49 25.11
N LEU B 67 18.24 -27.22 25.16
CA LEU B 67 17.15 -26.72 24.34
C LEU B 67 17.62 -25.95 23.12
N GLY B 68 18.86 -25.50 23.09
CA GLY B 68 19.37 -24.71 22.00
C GLY B 68 20.46 -23.77 22.46
N ARG B 69 20.79 -22.83 21.58
CA ARG B 69 21.79 -21.80 21.87
C ARG B 69 21.12 -20.43 21.93
N GLY B 70 21.65 -19.56 22.78
CA GLY B 70 21.37 -18.14 22.71
C GLY B 70 22.43 -17.44 21.92
N LYS B 71 22.44 -16.10 22.01
CA LYS B 71 23.47 -15.35 21.27
C LYS B 71 24.86 -15.64 21.82
N TYR B 72 25.03 -15.54 23.13
CA TYR B 72 26.27 -15.93 23.81
C TYR B 72 25.89 -16.69 25.09
N SER B 73 25.14 -17.78 24.91
CA SER B 73 24.65 -18.59 26.01
C SER B 73 24.33 -20.00 25.51
N GLU B 74 24.26 -20.94 26.45
CA GLU B 74 23.76 -22.29 26.21
C GLU B 74 22.54 -22.48 27.09
N VAL B 75 21.44 -22.94 26.48
CA VAL B 75 20.16 -23.01 27.15
C VAL B 75 19.77 -24.46 27.37
N PHE B 76 19.31 -24.74 28.58
CA PHE B 76 18.96 -26.07 29.04
C PHE B 76 17.61 -26.03 29.71
N GLU B 77 16.82 -27.06 29.50
CA GLU B 77 15.67 -27.30 30.35
C GLU B 77 16.18 -27.89 31.65
N ALA B 78 15.56 -27.51 32.76
CA ALA B 78 16.02 -28.01 34.05
C ALA B 78 14.85 -28.13 35.00
N ILE B 79 15.09 -28.88 36.07
CA ILE B 79 14.15 -29.01 37.18
C ILE B 79 14.70 -28.25 38.37
N ASN B 80 13.82 -27.57 39.10
CA ASN B 80 14.17 -27.00 40.39
C ASN B 80 13.93 -28.07 41.44
N ILE B 81 15.02 -28.62 41.99
CA ILE B 81 14.89 -29.77 42.86
C ILE B 81 14.25 -29.46 44.19
N THR B 82 13.96 -28.18 44.47
CA THR B 82 13.31 -27.78 45.71
C THR B 82 11.80 -28.00 45.67
N ASN B 83 11.17 -27.65 44.53
CA ASN B 83 9.73 -27.65 44.37
C ASN B 83 9.28 -28.35 43.10
N ASN B 84 10.20 -28.95 42.36
CA ASN B 84 9.91 -29.85 41.25
C ASN B 84 9.43 -29.16 39.98
N GLU B 85 9.66 -27.85 39.85
CA GLU B 85 9.09 -27.10 38.73
C GLU B 85 10.02 -27.10 37.52
N LYS B 86 9.41 -27.28 36.34
CA LYS B 86 10.14 -27.16 35.09
C LYS B 86 10.61 -25.72 34.90
N VAL B 87 11.89 -25.56 34.56
CA VAL B 87 12.54 -24.26 34.49
C VAL B 87 13.57 -24.29 33.36
N VAL B 88 14.02 -23.12 32.91
CA VAL B 88 15.03 -23.00 31.86
C VAL B 88 16.26 -22.31 32.42
N VAL B 89 17.43 -22.91 32.17
CA VAL B 89 18.72 -22.42 32.67
C VAL B 89 19.56 -21.98 31.48
N LYS B 90 20.02 -20.73 31.52
CA LYS B 90 20.78 -20.11 30.45
C LYS B 90 22.19 -19.90 30.95
N ILE B 91 23.11 -20.76 30.55
CA ILE B 91 24.48 -20.66 31.01
C ILE B 91 25.18 -19.63 30.15
N LEU B 92 25.61 -18.54 30.77
CA LEU B 92 26.20 -17.44 30.04
C LEU B 92 27.64 -17.76 29.65
N LYS B 93 27.99 -17.42 28.42
CA LYS B 93 29.39 -17.41 28.01
C LYS B 93 30.08 -16.13 28.50
N PRO B 94 31.41 -16.14 28.57
CA PRO B 94 32.13 -15.04 29.21
C PRO B 94 31.97 -13.70 28.50
N VAL B 95 31.25 -12.77 29.13
CA VAL B 95 31.21 -11.38 28.68
C VAL B 95 31.67 -10.49 29.83
N LYS B 96 31.93 -9.23 29.51
CA LYS B 96 32.26 -8.27 30.57
C LYS B 96 31.19 -8.35 31.65
N LYS B 97 31.61 -8.30 32.92
CA LYS B 97 30.63 -8.39 34.00
C LYS B 97 29.50 -7.39 33.80
N LYS B 98 29.84 -6.17 33.35
CA LYS B 98 28.82 -5.14 33.23
C LYS B 98 27.68 -5.56 32.31
N LYS B 99 27.98 -6.35 31.25
CA LYS B 99 26.90 -6.83 30.38
C LYS B 99 26.05 -7.89 31.06
N ILE B 100 26.64 -8.71 31.94
CA ILE B 100 25.82 -9.60 32.75
C ILE B 100 24.92 -8.80 33.66
N LYS B 101 25.50 -7.81 34.37
CA LYS B 101 24.68 -6.94 35.20
C LYS B 101 23.61 -6.26 34.37
N ARG B 102 23.98 -5.73 33.20
CA ARG B 102 22.97 -5.13 32.33
C ARG B 102 21.78 -6.04 32.12
N GLU B 103 22.00 -7.25 31.56
CA GLU B 103 20.88 -8.16 31.31
C GLU B 103 20.05 -8.39 32.57
N ILE B 104 20.73 -8.63 33.70
CA ILE B 104 19.99 -8.89 34.94
C ILE B 104 19.16 -7.67 35.32
N LYS B 105 19.72 -6.47 35.14
CA LYS B 105 18.97 -5.29 35.56
C LYS B 105 17.76 -5.09 34.66
N ILE B 106 17.96 -5.27 33.34
CA ILE B 106 16.83 -5.15 32.42
C ILE B 106 15.77 -6.20 32.74
N LEU B 107 16.18 -7.43 33.03
CA LEU B 107 15.19 -8.45 33.35
C LEU B 107 14.43 -8.11 34.61
N GLU B 108 15.15 -7.65 35.65
CA GLU B 108 14.46 -7.26 36.88
C GLU B 108 13.56 -6.06 36.62
N ASN B 109 14.02 -5.08 35.85
CA ASN B 109 13.19 -3.91 35.58
C ASN B 109 11.93 -4.28 34.80
N LEU B 110 12.04 -5.24 33.88
CA LEU B 110 10.90 -5.60 33.05
C LEU B 110 10.06 -6.70 33.67
N ARG B 111 10.54 -7.36 34.73
CA ARG B 111 9.85 -8.51 35.28
C ARG B 111 8.37 -8.20 35.48
N GLY B 112 7.51 -9.09 34.98
CA GLY B 112 6.08 -8.91 35.09
C GLY B 112 5.42 -8.13 33.98
N GLY B 113 6.19 -7.55 33.05
CA GLY B 113 5.61 -6.83 31.95
C GLY B 113 5.02 -7.80 30.93
N PRO B 114 4.11 -7.32 30.08
CA PRO B 114 3.39 -8.23 29.18
C PRO B 114 4.35 -8.92 28.22
N ASN B 115 4.34 -10.25 28.27
CA ASN B 115 5.07 -11.12 27.34
C ASN B 115 6.57 -10.95 27.43
N ILE B 116 7.06 -10.45 28.56
CA ILE B 116 8.49 -10.44 28.87
C ILE B 116 8.83 -11.72 29.62
N ILE B 117 9.90 -12.38 29.22
CA ILE B 117 10.28 -13.61 29.89
C ILE B 117 10.61 -13.31 31.35
N THR B 118 10.14 -14.16 32.25
CA THR B 118 10.26 -13.94 33.68
C THR B 118 11.57 -14.53 34.20
N LEU B 119 12.40 -13.68 34.81
CA LEU B 119 13.60 -14.17 35.48
C LEU B 119 13.23 -14.79 36.82
N ALA B 120 13.74 -15.98 37.08
CA ALA B 120 13.42 -16.70 38.30
C ALA B 120 14.58 -16.81 39.27
N ASP B 121 15.80 -16.76 38.79
CA ASP B 121 16.93 -16.95 39.68
C ASP B 121 18.17 -16.57 38.91
N ILE B 122 19.25 -16.36 39.66
CA ILE B 122 20.55 -15.98 39.12
C ILE B 122 21.55 -16.83 39.89
N VAL B 123 22.35 -17.63 39.19
CA VAL B 123 23.12 -18.67 39.86
C VAL B 123 24.49 -18.83 39.22
N LYS B 124 25.36 -19.53 39.95
CA LYS B 124 26.71 -19.84 39.53
C LYS B 124 26.90 -21.32 39.86
N ASP B 125 27.57 -22.04 38.98
CA ASP B 125 27.96 -23.39 39.34
C ASP B 125 29.00 -23.32 40.44
N PRO B 126 28.84 -24.08 41.53
CA PRO B 126 29.82 -23.97 42.63
C PRO B 126 31.25 -24.24 42.18
N VAL B 127 31.44 -25.15 41.22
CA VAL B 127 32.77 -25.55 40.80
C VAL B 127 33.21 -24.71 39.61
N SER B 128 32.42 -24.73 38.52
CA SER B 128 32.76 -23.90 37.37
C SER B 128 32.85 -22.44 37.78
N ARG B 129 31.86 -21.96 38.52
CA ARG B 129 31.64 -20.55 38.80
C ARG B 129 31.12 -19.79 37.58
N THR B 130 30.73 -20.51 36.52
CA THR B 130 30.10 -19.89 35.35
C THR B 130 28.74 -19.34 35.75
N PRO B 131 28.43 -18.09 35.40
CA PRO B 131 27.11 -17.53 35.74
C PRO B 131 26.02 -18.16 34.87
N ALA B 132 24.79 -18.18 35.41
CA ALA B 132 23.66 -18.62 34.61
C ALA B 132 22.43 -17.90 35.09
N LEU B 133 21.50 -17.65 34.17
CA LEU B 133 20.21 -17.04 34.50
C LEU B 133 19.14 -18.11 34.42
N VAL B 134 18.23 -18.14 35.39
CA VAL B 134 17.16 -19.12 35.43
C VAL B 134 15.87 -18.43 35.02
N PHE B 135 15.13 -19.05 34.10
CA PHE B 135 13.93 -18.42 33.57
C PHE B 135 12.75 -19.37 33.72
N GLU B 136 11.55 -18.80 33.72
CA GLU B 136 10.35 -19.60 33.59
C GLU B 136 10.43 -20.46 32.33
N HIS B 137 9.72 -21.57 32.34
CA HIS B 137 9.73 -22.48 31.21
C HIS B 137 8.63 -22.13 30.22
N VAL B 138 9.01 -22.01 28.94
CA VAL B 138 8.06 -21.89 27.84
C VAL B 138 8.20 -23.14 26.96
N ASN B 139 7.09 -23.84 26.75
CA ASN B 139 7.10 -25.06 25.96
C ASN B 139 6.92 -24.72 24.49
N ASN B 140 8.00 -24.81 23.71
CA ASN B 140 7.96 -24.49 22.29
C ASN B 140 7.89 -25.75 21.41
N THR B 141 7.14 -26.77 21.82
CA THR B 141 7.17 -28.02 21.07
C THR B 141 6.55 -27.88 19.69
N ASP B 142 7.18 -28.53 18.70
CA ASP B 142 6.72 -28.54 17.32
C ASP B 142 6.63 -27.13 16.74
N PHE B 143 7.61 -26.29 17.05
CA PHE B 143 7.72 -25.01 16.37
C PHE B 143 7.83 -25.19 14.85
N LYS B 144 8.31 -26.35 14.39
CA LYS B 144 8.39 -26.58 12.97
C LYS B 144 7.01 -26.47 12.33
N GLN B 145 6.05 -27.24 12.83
CA GLN B 145 4.70 -27.17 12.29
C GLN B 145 4.09 -25.79 12.53
N LEU B 146 4.35 -25.19 13.69
CA LEU B 146 3.84 -23.86 13.98
C LEU B 146 4.29 -22.86 12.93
N TYR B 147 5.61 -22.66 12.81
CA TYR B 147 6.16 -21.66 11.92
C TYR B 147 5.78 -21.86 10.45
N GLN B 148 5.38 -23.07 10.04
CA GLN B 148 4.96 -23.27 8.64
C GLN B 148 3.45 -23.40 8.44
N THR B 149 2.65 -23.30 9.51
CA THR B 149 1.20 -23.43 9.38
C THR B 149 0.46 -22.30 10.07
N LEU B 150 1.16 -21.23 10.42
CA LEU B 150 0.49 -20.10 11.04
C LEU B 150 -0.55 -19.54 10.09
N THR B 151 -1.76 -19.37 10.57
CA THR B 151 -2.79 -18.72 9.78
C THR B 151 -2.53 -17.21 9.75
N ASP B 152 -3.13 -16.55 8.76
CA ASP B 152 -3.11 -15.10 8.72
C ASP B 152 -3.59 -14.52 10.03
N TYR B 153 -4.60 -15.15 10.66
CA TYR B 153 -5.06 -14.68 11.96
C TYR B 153 -3.99 -14.87 13.03
N ASP B 154 -3.43 -16.08 13.13
CA ASP B 154 -2.41 -16.34 14.14
C ASP B 154 -1.26 -15.36 14.01
N ILE B 155 -0.82 -15.06 12.78
CA ILE B 155 0.26 -14.11 12.59
C ILE B 155 -0.12 -12.78 13.19
N ARG B 156 -1.33 -12.31 12.92
CA ARG B 156 -1.79 -11.08 13.53
C ARG B 156 -1.79 -11.19 15.05
N PHE B 157 -2.31 -12.30 15.57
CA PHE B 157 -2.37 -12.47 17.01
C PHE B 157 -0.99 -12.39 17.63
N TYR B 158 -0.04 -13.14 17.09
CA TYR B 158 1.27 -13.22 17.72
C TYR B 158 2.07 -11.95 17.47
N MET B 159 1.95 -11.38 16.27
CA MET B 159 2.52 -10.07 16.03
C MET B 159 2.07 -9.08 17.12
N TYR B 160 0.76 -9.06 17.38
CA TYR B 160 0.23 -8.21 18.43
C TYR B 160 0.90 -8.50 19.77
N GLU B 161 0.94 -9.79 20.15
CA GLU B 161 1.61 -10.16 21.40
C GLU B 161 3.05 -9.67 21.43
N ILE B 162 3.75 -9.67 20.29
CA ILE B 162 5.11 -9.15 20.29
C ILE B 162 5.11 -7.65 20.51
N LEU B 163 4.13 -6.95 19.93
CA LEU B 163 4.08 -5.51 20.11
C LEU B 163 3.77 -5.14 21.55
N LYS B 164 2.97 -5.95 22.25
CA LYS B 164 2.80 -5.72 23.68
C LYS B 164 4.15 -5.71 24.39
N ALA B 165 4.98 -6.72 24.11
CA ALA B 165 6.29 -6.76 24.76
C ALA B 165 7.12 -5.56 24.36
N LEU B 166 7.08 -5.21 23.07
CA LEU B 166 7.97 -4.16 22.60
C LEU B 166 7.51 -2.81 23.12
N ASP B 167 6.21 -2.54 23.07
CA ASP B 167 5.76 -1.26 23.60
C ASP B 167 6.12 -1.16 25.07
N TYR B 168 5.98 -2.26 25.81
CA TYR B 168 6.29 -2.22 27.24
C TYR B 168 7.75 -1.85 27.46
N CYS B 169 8.67 -2.64 26.89
CA CYS B 169 10.08 -2.42 27.19
C CYS B 169 10.54 -1.07 26.68
N HIS B 170 10.05 -0.66 25.50
CA HIS B 170 10.29 0.70 25.05
C HIS B 170 9.75 1.73 26.05
N SER B 171 8.52 1.52 26.51
CA SER B 171 7.97 2.50 27.44
C SER B 171 8.75 2.51 28.75
N MET B 172 9.47 1.42 29.04
CA MET B 172 10.31 1.29 30.21
C MET B 172 11.77 1.70 29.94
N GLY B 173 12.03 2.38 28.83
CA GLY B 173 13.37 2.85 28.51
C GLY B 173 14.31 1.85 27.89
N ILE B 174 13.83 0.70 27.41
CA ILE B 174 14.73 -0.38 27.02
C ILE B 174 14.52 -0.76 25.55
N MET B 175 15.62 -0.81 24.81
CA MET B 175 15.67 -1.36 23.47
C MET B 175 16.05 -2.83 23.55
N HIS B 176 15.28 -3.68 22.86
CA HIS B 176 15.62 -5.11 22.88
C HIS B 176 16.90 -5.37 22.09
N ARG B 177 16.97 -4.88 20.85
CA ARG B 177 18.15 -4.87 19.99
C ARG B 177 18.52 -6.24 19.42
N ASP B 178 17.70 -7.27 19.62
CA ASP B 178 17.93 -8.57 18.98
C ASP B 178 16.58 -9.24 18.69
N VAL B 179 15.65 -8.49 18.11
CA VAL B 179 14.34 -9.01 17.78
C VAL B 179 14.46 -9.90 16.54
N LYS B 180 14.05 -11.15 16.67
CA LYS B 180 14.13 -12.13 15.60
C LYS B 180 13.33 -13.35 16.05
N PRO B 181 12.92 -14.22 15.11
CA PRO B 181 12.04 -15.34 15.49
C PRO B 181 12.59 -16.18 16.63
N HIS B 182 13.89 -16.46 16.62
CA HIS B 182 14.49 -17.25 17.69
C HIS B 182 14.23 -16.66 19.07
N ASN B 183 14.09 -15.34 19.18
CA ASN B 183 13.90 -14.71 20.47
C ASN B 183 12.44 -14.47 20.80
N VAL B 184 11.56 -15.20 20.13
CA VAL B 184 10.13 -15.22 20.45
C VAL B 184 9.80 -16.67 20.76
N MET B 185 9.42 -16.96 21.99
CA MET B 185 9.04 -18.29 22.40
C MET B 185 7.53 -18.31 22.42
N ILE B 186 6.91 -19.05 21.49
CA ILE B 186 5.47 -19.24 21.54
C ILE B 186 5.16 -20.62 22.09
N ASP B 187 4.03 -20.74 22.78
CA ASP B 187 3.48 -22.00 23.27
C ASP B 187 2.06 -22.05 22.74
N HIS B 188 1.88 -22.63 21.55
CA HIS B 188 0.61 -22.44 20.84
C HIS B 188 -0.56 -23.00 21.64
N GLU B 189 -0.37 -24.17 22.27
CA GLU B 189 -1.45 -24.77 23.06
C GLU B 189 -2.11 -23.75 23.97
N HIS B 190 -1.33 -22.85 24.55
CA HIS B 190 -1.85 -21.84 25.48
C HIS B 190 -1.82 -20.43 24.91
N ARG B 191 -1.50 -20.28 23.62
CA ARG B 191 -1.46 -18.95 22.99
C ARG B 191 -0.61 -17.99 23.81
N LYS B 192 0.51 -18.51 24.33
CA LYS B 192 1.40 -17.79 25.22
C LYS B 192 2.71 -17.49 24.49
N LEU B 193 3.06 -16.21 24.43
CA LEU B 193 4.26 -15.75 23.76
C LEU B 193 5.13 -14.97 24.74
N ARG B 194 6.43 -15.22 24.69
CA ARG B 194 7.41 -14.53 25.50
C ARG B 194 8.56 -14.05 24.61
N LEU B 195 8.87 -12.76 24.71
CA LEU B 195 10.09 -12.21 24.13
C LEU B 195 11.27 -12.57 25.02
N ILE B 196 12.33 -13.13 24.43
CA ILE B 196 13.43 -13.70 25.23
C ILE B 196 14.76 -13.12 24.78
N ASP B 197 15.83 -13.65 25.38
CA ASP B 197 17.23 -13.23 25.24
C ASP B 197 17.43 -11.72 25.26
N TRP B 198 17.43 -11.15 26.45
CA TRP B 198 17.65 -9.73 26.63
C TRP B 198 19.12 -9.37 26.83
N GLY B 199 20.03 -10.24 26.39
CA GLY B 199 21.45 -10.09 26.64
C GLY B 199 22.11 -9.04 25.80
N LEU B 200 21.40 -8.49 24.81
CA LEU B 200 21.87 -7.36 24.02
C LEU B 200 21.07 -6.09 24.26
N ALA B 201 20.04 -6.14 25.11
CA ALA B 201 19.22 -4.95 25.31
C ALA B 201 20.01 -3.86 26.03
N GLU B 202 19.65 -2.62 25.76
CA GLU B 202 20.29 -1.47 26.39
C GLU B 202 19.23 -0.45 26.75
N PHE B 203 19.56 0.42 27.72
CA PHE B 203 18.72 1.55 28.04
C PHE B 203 18.90 2.64 27.00
N TYR B 204 17.80 3.22 26.54
CA TYR B 204 17.88 4.33 25.62
C TYR B 204 18.05 5.63 26.40
N HIS B 205 19.06 6.43 26.00
CA HIS B 205 19.30 7.76 26.56
C HIS B 205 19.46 8.74 25.40
N PRO B 206 18.66 9.80 25.33
CA PRO B 206 18.77 10.72 24.19
C PRO B 206 20.19 11.24 24.05
N GLY B 207 20.68 11.26 22.82
CA GLY B 207 22.06 11.63 22.56
C GLY B 207 23.08 10.52 22.65
N GLN B 208 22.75 9.36 23.19
CA GLN B 208 23.78 8.33 23.32
C GLN B 208 24.08 7.70 21.96
N GLU B 209 25.36 7.39 21.75
CA GLU B 209 25.83 6.69 20.56
C GLU B 209 26.04 5.23 20.93
N TYR B 210 25.29 4.33 20.28
CA TYR B 210 25.31 2.92 20.64
C TYR B 210 26.18 2.12 19.70
N ASN B 211 26.62 0.96 20.20
CA ASN B 211 27.30 0.00 19.34
C ASN B 211 26.35 -0.46 18.24
N VAL B 212 26.85 -0.49 17.00
CA VAL B 212 26.04 -0.98 15.89
C VAL B 212 26.22 -2.47 15.67
N ARG B 213 27.11 -3.12 16.42
CA ARG B 213 27.30 -4.57 16.30
C ARG B 213 26.31 -5.31 17.20
N VAL B 214 25.02 -5.11 16.92
CA VAL B 214 23.95 -5.75 17.67
C VAL B 214 22.99 -6.43 16.69
N ALA B 215 21.97 -7.09 17.23
CA ALA B 215 20.96 -7.76 16.44
C ALA B 215 21.58 -8.89 15.63
N SER B 216 20.80 -9.56 14.80
CA SER B 216 21.34 -10.62 13.96
C SER B 216 21.25 -10.18 12.51
N ARG B 217 22.27 -10.53 11.73
CA ARG B 217 22.42 -9.97 10.40
C ARG B 217 21.10 -9.74 9.70
N TYR B 218 20.34 -10.80 9.44
CA TYR B 218 19.15 -10.65 8.62
C TYR B 218 18.18 -9.64 9.20
N PHE B 219 18.30 -9.28 10.48
CA PHE B 219 17.34 -8.38 11.12
C PHE B 219 17.94 -7.03 11.47
N LYS B 220 19.17 -6.77 11.03
CA LYS B 220 19.84 -5.50 11.29
C LYS B 220 19.15 -4.39 10.50
N GLY B 221 18.69 -3.37 11.22
CA GLY B 221 18.22 -2.15 10.61
C GLY B 221 19.31 -1.44 9.82
N PRO B 222 18.90 -0.61 8.87
CA PRO B 222 19.89 0.15 8.09
C PRO B 222 20.82 1.02 8.93
N GLU B 223 20.34 1.56 10.06
CA GLU B 223 21.21 2.41 10.86
C GLU B 223 22.43 1.63 11.35
N LEU B 224 22.26 0.33 11.59
CA LEU B 224 23.40 -0.50 11.96
C LEU B 224 24.31 -0.74 10.77
N LEU B 225 23.73 -0.99 9.59
CA LEU B 225 24.53 -1.34 8.43
C LEU B 225 25.40 -0.18 7.98
N VAL B 226 24.90 1.05 8.12
CA VAL B 226 25.64 2.24 7.71
C VAL B 226 26.36 2.88 8.88
N ASP B 227 26.38 2.22 10.03
CA ASP B 227 27.13 2.73 11.18
C ASP B 227 26.60 4.08 11.67
N TYR B 228 25.28 4.21 11.77
CA TYR B 228 24.68 5.36 12.44
C TYR B 228 24.39 4.97 13.89
N GLN B 229 25.10 5.61 14.84
CA GLN B 229 25.13 5.09 16.19
C GLN B 229 24.07 5.66 17.11
N MET B 230 23.45 6.79 16.76
CA MET B 230 22.52 7.43 17.68
C MET B 230 21.11 6.92 17.47
N TYR B 231 20.95 5.60 17.49
CA TYR B 231 19.67 4.99 17.16
C TYR B 231 18.82 4.84 18.42
N ASP B 232 17.62 4.27 18.28
CA ASP B 232 16.73 4.24 19.41
C ASP B 232 15.81 3.02 19.30
N TYR B 233 14.66 3.06 19.97
CA TYR B 233 13.78 1.91 20.00
C TYR B 233 13.35 1.50 18.60
N SER B 234 13.28 2.45 17.67
CA SER B 234 12.75 2.17 16.36
C SER B 234 13.59 1.11 15.64
N LEU B 235 14.80 0.85 16.12
CA LEU B 235 15.58 -0.27 15.63
C LEU B 235 14.79 -1.57 15.73
N ASP B 236 14.16 -1.82 16.88
CA ASP B 236 13.37 -3.01 17.07
C ASP B 236 12.27 -3.11 16.04
N MET B 237 11.73 -1.98 15.60
CA MET B 237 10.59 -1.98 14.69
C MET B 237 11.00 -2.43 13.30
N TRP B 238 12.20 -2.06 12.86
CA TRP B 238 12.73 -2.68 11.67
C TRP B 238 12.78 -4.19 11.83
N SER B 239 13.39 -4.68 12.91
CA SER B 239 13.56 -6.11 13.07
C SER B 239 12.22 -6.84 13.06
N LEU B 240 11.21 -6.29 13.71
CA LEU B 240 9.87 -6.83 13.59
C LEU B 240 9.41 -6.81 12.14
N GLY B 241 9.76 -5.76 11.40
CA GLY B 241 9.40 -5.70 10.00
C GLY B 241 9.96 -6.86 9.22
N CYS B 242 11.25 -7.18 9.45
CA CYS B 242 11.86 -8.30 8.73
C CYS B 242 11.16 -9.61 9.07
N MET B 243 10.83 -9.80 10.35
CA MET B 243 10.05 -10.96 10.75
C MET B 243 8.72 -11.02 10.02
N LEU B 244 8.00 -9.90 9.99
CA LEU B 244 6.71 -9.88 9.32
C LEU B 244 6.86 -10.28 7.86
N ALA B 245 7.79 -9.63 7.15
CA ALA B 245 7.95 -9.87 5.71
C ALA B 245 8.25 -11.34 5.43
N SER B 246 9.14 -11.95 6.20
CA SER B 246 9.48 -13.33 5.90
C SER B 246 8.32 -14.27 6.20
N MET B 247 7.51 -13.94 7.21
CA MET B 247 6.30 -14.72 7.51
C MET B 247 5.29 -14.63 6.36
N ILE B 248 4.82 -13.41 6.06
CA ILE B 248 3.67 -13.36 5.15
C ILE B 248 4.07 -13.75 3.73
N PHE B 249 5.31 -13.47 3.32
CA PHE B 249 5.74 -13.89 1.98
C PHE B 249 6.31 -15.31 1.97
N ARG B 250 6.55 -15.89 3.14
CA ARG B 250 7.11 -17.23 3.24
C ARG B 250 8.45 -17.29 2.52
N LYS B 251 9.28 -16.27 2.77
CA LYS B 251 10.61 -16.16 2.22
C LYS B 251 11.54 -15.90 3.39
N GLU B 252 12.46 -16.82 3.66
CA GLU B 252 13.23 -16.79 4.90
C GLU B 252 14.72 -16.86 4.60
N PRO B 253 15.52 -15.85 4.99
CA PRO B 253 15.05 -14.58 5.52
C PRO B 253 14.62 -13.71 4.37
N PHE B 254 13.87 -12.64 4.63
CA PHE B 254 13.41 -11.81 3.53
C PHE B 254 14.55 -11.00 2.90
N PHE B 255 15.44 -10.45 3.73
CA PHE B 255 16.66 -9.75 3.28
C PHE B 255 17.83 -10.67 3.59
N HIS B 256 18.41 -11.27 2.56
CA HIS B 256 19.29 -12.42 2.72
C HIS B 256 20.70 -12.07 2.27
N GLY B 257 21.39 -11.20 3.01
CA GLY B 257 22.73 -10.77 2.61
C GLY B 257 23.80 -11.71 3.14
N HIS B 258 24.89 -11.86 2.37
CA HIS B 258 25.97 -12.76 2.76
CA HIS B 258 25.97 -12.76 2.76
C HIS B 258 26.95 -12.11 3.75
N ASP B 259 26.76 -10.83 4.07
CA ASP B 259 27.54 -10.12 5.09
C ASP B 259 26.85 -8.78 5.30
N ASN B 260 27.39 -7.97 6.22
CA ASN B 260 26.68 -6.75 6.61
C ASN B 260 26.64 -5.75 5.45
N TYR B 261 27.71 -5.69 4.65
CA TYR B 261 27.68 -4.85 3.45
C TYR B 261 26.63 -5.33 2.45
N ASP B 262 26.59 -6.65 2.21
CA ASP B 262 25.59 -7.20 1.29
C ASP B 262 24.19 -7.05 1.86
N GLN B 263 24.02 -7.20 3.17
CA GLN B 263 22.70 -7.03 3.76
C GLN B 263 22.05 -5.75 3.27
N LEU B 264 22.79 -4.64 3.35
CA LEU B 264 22.23 -3.38 2.89
C LEU B 264 21.95 -3.40 1.40
N VAL B 265 22.74 -4.16 0.64
CA VAL B 265 22.41 -4.31 -0.78
C VAL B 265 21.08 -5.02 -0.96
N ARG B 266 20.85 -6.10 -0.19
CA ARG B 266 19.56 -6.80 -0.26
C ARG B 266 18.42 -5.86 0.09
N ILE B 267 18.59 -5.04 1.14
CA ILE B 267 17.54 -4.09 1.48
C ILE B 267 17.36 -3.11 0.33
N ALA B 268 18.45 -2.64 -0.25
CA ALA B 268 18.37 -1.60 -1.26
C ALA B 268 17.67 -2.09 -2.51
N LYS B 269 17.88 -3.35 -2.89
CA LYS B 269 17.19 -3.90 -4.05
C LYS B 269 15.68 -3.95 -3.85
N VAL B 270 15.20 -3.74 -2.63
CA VAL B 270 13.78 -3.81 -2.31
C VAL B 270 13.20 -2.43 -2.02
N LEU B 271 13.77 -1.74 -1.01
CA LEU B 271 13.34 -0.39 -0.64
C LEU B 271 13.80 0.67 -1.63
N GLY B 272 14.73 0.36 -2.54
CA GLY B 272 15.25 1.35 -3.46
C GLY B 272 16.46 2.09 -2.90
N THR B 273 17.23 2.68 -3.81
CA THR B 273 18.39 3.44 -3.39
C THR B 273 18.12 4.92 -3.27
N GLU B 274 17.05 5.42 -3.88
CA GLU B 274 16.67 6.81 -3.71
C GLU B 274 16.44 7.13 -2.23
N ASP B 275 15.50 6.44 -1.59
CA ASP B 275 15.25 6.69 -0.17
C ASP B 275 16.49 6.43 0.67
N LEU B 276 17.30 5.46 0.26
CA LEU B 276 18.53 5.16 1.00
C LEU B 276 19.46 6.36 1.02
N TYR B 277 19.67 6.99 -0.13
CA TYR B 277 20.63 8.08 -0.22
C TYR B 277 20.08 9.37 0.37
N ASP B 278 18.76 9.56 0.33
CA ASP B 278 18.17 10.66 1.09
C ASP B 278 18.44 10.50 2.57
N TYR B 279 18.26 9.28 3.09
CA TYR B 279 18.57 8.99 4.47
C TYR B 279 20.03 9.34 4.80
N ILE B 280 20.97 8.91 3.95
CA ILE B 280 22.36 9.32 4.10
C ILE B 280 22.45 10.85 4.18
N ASP B 281 21.88 11.53 3.18
CA ASP B 281 21.98 12.99 3.17
C ASP B 281 21.34 13.58 4.42
N LYS B 282 20.14 13.12 4.77
CA LYS B 282 19.39 13.73 5.86
C LYS B 282 20.18 13.70 7.18
N TYR B 283 20.87 12.60 7.45
CA TYR B 283 21.63 12.48 8.69
C TYR B 283 23.12 12.75 8.51
N ASN B 284 23.53 13.19 7.31
CA ASN B 284 24.93 13.47 7.03
C ASN B 284 25.80 12.27 7.36
N ILE B 285 25.28 11.06 7.07
CA ILE B 285 26.02 9.85 7.33
C ILE B 285 27.14 9.69 6.30
N GLU B 286 28.32 9.28 6.76
CA GLU B 286 29.46 9.05 5.89
C GLU B 286 29.48 7.58 5.48
N LEU B 287 29.27 7.31 4.20
CA LEU B 287 29.07 5.96 3.70
C LEU B 287 30.41 5.29 3.42
N ASP B 288 30.58 4.10 3.98
CA ASP B 288 31.77 3.30 3.73
C ASP B 288 32.04 3.25 2.23
N PRO B 289 33.27 3.51 1.78
CA PRO B 289 33.53 3.49 0.33
C PRO B 289 33.17 2.16 -0.34
N ARG B 290 33.26 1.05 0.41
CA ARG B 290 32.76 -0.23 -0.06
C ARG B 290 31.39 -0.06 -0.73
N PHE B 291 30.50 0.66 -0.04
CA PHE B 291 29.11 0.72 -0.48
C PHE B 291 28.97 1.37 -1.86
N ASN B 292 29.76 2.41 -2.13
CA ASN B 292 29.64 3.11 -3.40
C ASN B 292 29.62 2.14 -4.57
N ASP B 293 30.49 1.12 -4.55
CA ASP B 293 30.60 0.26 -5.70
C ASP B 293 29.52 -0.81 -5.77
N ILE B 294 28.93 -1.19 -4.64
CA ILE B 294 28.05 -2.36 -4.60
C ILE B 294 26.58 -2.01 -4.51
N LEU B 295 26.23 -0.77 -4.19
CA LEU B 295 24.82 -0.47 -3.98
C LEU B 295 24.11 -0.21 -5.30
N GLY B 296 24.75 0.49 -6.22
CA GLY B 296 24.13 0.73 -7.51
C GLY B 296 22.96 1.70 -7.45
N ARG B 297 22.14 1.65 -8.49
CA ARG B 297 20.87 2.37 -8.55
C ARG B 297 19.78 1.33 -8.61
N HIS B 298 18.78 1.46 -7.74
CA HIS B 298 17.72 0.48 -7.65
C HIS B 298 16.38 1.17 -7.38
N SER B 299 15.37 0.78 -8.14
CA SER B 299 14.05 1.29 -7.87
C SER B 299 13.51 0.68 -6.59
N ARG B 300 12.56 1.38 -5.97
CA ARG B 300 11.76 0.80 -4.90
C ARG B 300 10.74 -0.15 -5.51
N LYS B 301 10.63 -1.35 -4.94
CA LYS B 301 9.77 -2.39 -5.49
C LYS B 301 8.43 -2.46 -4.78
N ARG B 302 7.37 -2.72 -5.54
CA ARG B 302 6.04 -2.90 -4.98
C ARG B 302 5.91 -4.27 -4.33
N TRP B 303 5.27 -4.31 -3.17
CA TRP B 303 5.20 -5.55 -2.40
C TRP B 303 4.56 -6.67 -3.20
N GLU B 304 3.70 -6.35 -4.17
CA GLU B 304 3.06 -7.37 -4.99
C GLU B 304 4.10 -8.24 -5.70
N ARG B 305 5.27 -7.71 -6.01
CA ARG B 305 6.32 -8.51 -6.62
C ARG B 305 6.57 -9.81 -5.85
N PHE B 306 6.34 -9.81 -4.53
CA PHE B 306 6.68 -10.91 -3.64
C PHE B 306 5.49 -11.79 -3.32
N VAL B 307 4.35 -11.48 -3.84
CA VAL B 307 3.17 -12.30 -3.63
C VAL B 307 3.12 -13.36 -4.72
N HIS B 308 2.62 -14.54 -4.35
CA HIS B 308 2.47 -15.62 -5.31
C HIS B 308 1.47 -16.61 -4.74
N SER B 309 1.23 -17.68 -5.48
CA SER B 309 0.16 -18.61 -5.16
C SER B 309 0.35 -19.23 -3.78
N GLU B 310 1.59 -19.41 -3.34
CA GLU B 310 1.81 -20.09 -2.07
C GLU B 310 1.70 -19.15 -0.87
N ASN B 311 1.85 -17.82 -1.03
CA ASN B 311 1.78 -16.90 0.11
C ASN B 311 0.59 -15.93 0.04
N GLN B 312 -0.21 -15.96 -1.02
CA GLN B 312 -1.31 -15.00 -1.14
C GLN B 312 -2.25 -15.05 0.07
N HIS B 313 -2.37 -16.21 0.73
CA HIS B 313 -3.36 -16.35 1.79
C HIS B 313 -2.97 -15.60 3.06
N LEU B 314 -1.73 -15.13 3.18
CA LEU B 314 -1.31 -14.35 4.32
C LEU B 314 -1.07 -12.89 3.98
N VAL B 315 -1.09 -12.53 2.69
CA VAL B 315 -0.87 -11.16 2.26
C VAL B 315 -2.19 -10.50 1.98
N SER B 316 -2.33 -9.27 2.44
CA SER B 316 -3.54 -8.48 2.30
C SER B 316 -3.12 -7.02 2.20
N PRO B 317 -3.98 -6.15 1.68
CA PRO B 317 -3.65 -4.71 1.73
C PRO B 317 -3.27 -4.23 3.12
N GLU B 318 -4.01 -4.63 4.16
CA GLU B 318 -3.63 -4.21 5.51
C GLU B 318 -2.21 -4.64 5.83
N ALA B 319 -1.92 -5.93 5.67
CA ALA B 319 -0.60 -6.44 5.99
C ALA B 319 0.47 -5.65 5.26
N LEU B 320 0.22 -5.33 3.98
CA LEU B 320 1.23 -4.63 3.22
C LEU B 320 1.37 -3.19 3.69
N ASP B 321 0.24 -2.55 4.04
CA ASP B 321 0.32 -1.22 4.61
C ASP B 321 1.12 -1.23 5.91
N PHE B 322 0.77 -2.15 6.82
CA PHE B 322 1.52 -2.29 8.07
C PHE B 322 3.00 -2.48 7.79
N LEU B 323 3.31 -3.48 6.97
CA LEU B 323 4.70 -3.85 6.72
C LEU B 323 5.49 -2.68 6.16
N ASP B 324 4.90 -1.98 5.19
CA ASP B 324 5.56 -0.85 4.58
C ASP B 324 5.87 0.24 5.61
N LYS B 325 5.02 0.38 6.64
CA LYS B 325 5.26 1.41 7.64
C LYS B 325 6.27 1.00 8.69
N LEU B 326 6.68 -0.28 8.70
CA LEU B 326 7.83 -0.67 9.49
C LEU B 326 9.14 -0.54 8.73
N LEU B 327 9.15 -0.88 7.44
CA LEU B 327 10.40 -1.04 6.69
C LEU B 327 10.78 0.29 6.04
N ARG B 328 11.34 1.19 6.85
CA ARG B 328 11.84 2.48 6.38
C ARG B 328 13.29 2.64 6.82
N TYR B 329 14.15 3.14 5.91
CA TYR B 329 15.53 3.43 6.28
C TYR B 329 15.56 4.37 7.47
N ASP B 330 15.00 5.55 7.30
CA ASP B 330 14.90 6.55 8.34
C ASP B 330 14.21 5.96 9.56
N HIS B 331 14.99 5.63 10.59
CA HIS B 331 14.42 5.04 11.80
C HIS B 331 13.31 5.92 12.36
N GLN B 332 13.44 7.25 12.21
CA GLN B 332 12.46 8.18 12.76
C GLN B 332 11.07 7.99 12.16
N SER B 333 11.00 7.57 10.90
CA SER B 333 9.73 7.50 10.20
C SER B 333 9.00 6.17 10.35
N ARG B 334 9.59 5.20 11.04
CA ARG B 334 8.95 3.89 11.25
C ARG B 334 7.92 3.99 12.35
N LEU B 335 6.87 3.16 12.23
CA LEU B 335 5.84 3.13 13.25
C LEU B 335 6.44 2.79 14.60
N THR B 336 5.96 3.45 15.64
CA THR B 336 6.29 3.01 16.98
C THR B 336 5.48 1.76 17.33
N ALA B 337 5.91 1.03 18.36
CA ALA B 337 5.11 -0.13 18.80
C ALA B 337 3.66 0.28 19.02
N ARG B 338 3.44 1.45 19.60
CA ARG B 338 2.09 1.85 19.97
C ARG B 338 1.28 2.22 18.73
N GLU B 339 1.92 2.88 17.77
CA GLU B 339 1.25 3.18 16.50
C GLU B 339 0.95 1.88 15.75
N ALA B 340 1.96 1.00 15.62
CA ALA B 340 1.77 -0.31 15.01
C ALA B 340 0.57 -1.01 15.60
N MET B 341 0.45 -0.97 16.93
CA MET B 341 -0.63 -1.68 17.59
C MET B 341 -1.99 -1.11 17.24
N GLU B 342 -2.03 0.11 16.74
CA GLU B 342 -3.27 0.71 16.26
C GLU B 342 -3.46 0.47 14.78
N HIS B 343 -2.70 -0.41 14.19
CA HIS B 343 -2.91 -0.51 12.76
C HIS B 343 -4.19 -1.28 12.42
N PRO B 344 -4.87 -0.91 11.35
CA PRO B 344 -5.98 -1.73 10.85
C PRO B 344 -5.65 -3.22 10.75
N TYR B 345 -4.39 -3.58 10.48
CA TYR B 345 -3.99 -4.98 10.42
C TYR B 345 -4.43 -5.76 11.66
N PHE B 346 -4.52 -5.10 12.81
CA PHE B 346 -4.79 -5.75 14.09
C PHE B 346 -6.24 -5.59 14.53
N TYR B 347 -7.13 -5.11 13.65
CA TYR B 347 -8.46 -4.70 14.10
C TYR B 347 -9.24 -5.88 14.68
N THR B 348 -9.31 -6.98 13.95
CA THR B 348 -10.12 -8.09 14.48
C THR B 348 -9.46 -8.70 15.71
N VAL B 349 -8.12 -8.77 15.77
CA VAL B 349 -7.52 -9.41 16.95
C VAL B 349 -7.77 -8.56 18.19
N VAL B 350 -7.88 -7.25 18.02
CA VAL B 350 -8.23 -6.37 19.14
C VAL B 350 -9.69 -6.57 19.53
N LYS B 351 -10.58 -6.61 18.52
CA LYS B 351 -11.98 -6.93 18.77
C LYS B 351 -12.12 -8.18 19.64
N ASP B 352 -11.55 -9.31 19.17
CA ASP B 352 -11.70 -10.60 19.83
C ASP B 352 -11.13 -10.64 21.23
N GLN B 353 -10.34 -9.64 21.63
CA GLN B 353 -9.83 -9.53 23.00
C GLN B 353 -10.77 -8.71 23.87
N ALA B 354 -12.03 -9.13 23.91
CA ALA B 354 -13.06 -8.46 24.68
C ALA B 354 -14.39 -9.23 24.58
S SO4 C . -27.76 12.91 -41.62
O1 SO4 C . -27.45 14.27 -41.22
O2 SO4 C . -29.20 12.80 -41.92
O3 SO4 C . -26.98 12.55 -42.82
O4 SO4 C . -27.39 11.99 -40.53
S SO4 D . -6.30 18.52 -25.62
O1 SO4 D . -6.48 18.67 -27.08
O2 SO4 D . -6.85 19.68 -24.93
O3 SO4 D . -4.86 18.42 -25.32
O4 SO4 D . -6.98 17.30 -25.19
S SO4 E . -11.51 11.27 -32.27
O1 SO4 E . -10.34 12.10 -32.56
O2 SO4 E . -12.49 11.96 -31.43
O3 SO4 E . -12.07 10.91 -33.57
O4 SO4 E . -11.08 10.05 -31.59
C1 PEG F . 12.46 12.44 -4.97
O1 PEG F . 13.47 12.90 -5.85
C2 PEG F . 11.36 13.45 -4.78
O2 PEG F . 11.22 14.22 -5.98
C3 PEG F . 11.63 15.58 -5.82
C4 PEG F . 10.54 16.46 -6.34
O4 PEG F . 9.28 15.84 -6.19
C1 PEG G . -0.82 -8.23 -5.40
O1 PEG G . -1.44 -9.28 -6.16
C2 PEG G . -1.08 -8.37 -3.92
O2 PEG G . -1.52 -7.11 -3.40
C3 PEG G . -2.79 -7.18 -2.77
C4 PEG G . -2.66 -7.85 -1.44
O4 PEG G . -3.39 -9.07 -1.40
N1 A1IWI H . -22.01 17.11 -12.18
C7 A1IWI H . -24.13 19.01 -15.43
C8 A1IWI H . -24.37 17.34 -17.31
N2 A1IWI H . -24.83 18.06 -16.28
C9 A1IWI H . -25.47 16.65 -17.77
O1 A1IWI H . -23.40 15.84 -21.82
C1 A1IWI H . -20.78 16.49 -11.69
C5 A1IWI H . -22.83 19.16 -13.32
C6 A1IWI H . -23.13 18.36 -14.58
N3 A1IWI H . -26.14 17.82 -16.06
C4 A1IWI H . -21.65 18.45 -12.65
C3 A1IWI H . -23.59 16.99 -14.12
O3 A1IWI H . -22.19 14.49 -8.35
C2 A1IWI H . -22.53 16.28 -13.30
N4 A1IWI H . -26.53 16.96 -16.98
N A1IWI H . -21.38 14.38 -10.64
C A1IWI H . -20.92 15.74 -10.40
O A1IWI H . -22.91 12.64 -9.82
C10 A1IWI H . -25.63 15.72 -18.84
C11 A1IWI H . -24.94 15.48 -20.02
C12 A1IWI H . -23.70 16.07 -20.63
C13 A1IWI H . -22.78 16.91 -19.78
C14 A1IWI H . -26.64 14.00 -19.98
C15 A1IWI H . -27.53 12.96 -20.25
C16 A1IWI H . -28.54 12.68 -19.34
C17 A1IWI H . -28.64 13.47 -18.21
C18 A1IWI H . -27.79 14.51 -17.92
C19 A1IWI H . -26.75 14.77 -18.82
C20 A1IWI H . -20.53 12.55 -8.81
C21 A1IWI H . -20.37 12.34 -7.45
C22 A1IWI H . -19.34 11.51 -7.02
C23 A1IWI H . -18.48 10.90 -7.93
C24 A1IWI H . -17.41 9.97 -7.46
C25 A1IWI H . -16.06 10.24 -7.70
C26 A1IWI H . -15.08 9.34 -7.29
C27 A1IWI H . -15.44 8.18 -6.62
C28 A1IWI H . -16.76 7.91 -6.37
C29 A1IWI H . -17.71 8.81 -6.80
C30 A1IWI H . -18.66 11.15 -9.29
C31 A1IWI H . -19.68 11.98 -9.73
F A1IWI H . -29.68 13.23 -17.35
F1 A1IWI H . -19.01 8.52 -6.61
N5 A1IWI H . -25.54 14.44 -20.70
O2 A1IWI H . -15.71 11.38 -8.35
S A1IWI H . -21.88 13.53 -9.37
H15 A1IWI H . -23.64 19.76 -16.07
H14 A1IWI H . -24.85 19.57 -14.84
H16 A1IWI H . -23.35 17.35 -17.67
H4 A1IWI H . -20.36 15.80 -12.43
H3 A1IWI H . -19.99 17.22 -11.57
H11 A1IWI H . -22.57 20.20 -13.56
H12 A1IWI H . -23.68 19.22 -12.65
H13 A1IWI H . -22.22 18.27 -15.17
H10 A1IWI H . -21.27 19.04 -11.82
H9 A1IWI H . -20.81 18.37 -13.35
H8 A1IWI H . -23.87 16.39 -14.98
H7 A1IWI H . -24.51 17.09 -13.55
H5 A1IWI H . -22.96 15.34 -12.94
H6 A1IWI H . -21.73 15.97 -13.99
H A1IWI H . -21.35 14.06 -11.61
H2 A1IWI H . -21.61 16.25 -9.75
H1 A1IWI H . -19.96 15.72 -9.88
H18 A1IWI H . -23.29 17.75 -19.31
H19 A1IWI H . -21.95 17.34 -20.33
H17 A1IWI H . -22.33 16.36 -18.96
H21 A1IWI H . -27.43 12.37 -21.15
H22 A1IWI H . -29.23 11.87 -19.52
H23 A1IWI H . -27.91 15.10 -17.02
H24 A1IWI H . -21.02 12.80 -6.71
H25 A1IWI H . -19.22 11.34 -5.95
H27 A1IWI H . -14.02 9.54 -7.48
H28 A1IWI H . -14.67 7.49 -6.30
H29 A1IWI H . -17.05 7.00 -5.84
H30 A1IWI H . -18.01 10.70 -10.02
H31 A1IWI H . -19.81 12.17 -10.79
H20 A1IWI H . -25.24 14.06 -21.59
H26 A1IWI H . -16.54 11.88 -8.57
S SO4 I . 7.83 8.78 0.24
O1 SO4 I . 7.51 8.24 1.56
O2 SO4 I . 8.83 9.84 0.37
O3 SO4 I . 8.36 7.72 -0.62
O4 SO4 I . 6.64 9.40 -0.35
S SO4 J . -18.15 19.02 -12.74
O1 SO4 J . -16.71 19.31 -12.78
O2 SO4 J . -18.84 19.92 -13.66
O3 SO4 J . -18.35 17.65 -13.14
O4 SO4 J . -18.68 19.18 -11.39
S SO4 K . -28.63 -5.98 -21.82
O1 SO4 K . -27.42 -5.94 -20.98
O2 SO4 K . -29.43 -4.78 -21.56
O3 SO4 K . -28.28 -6.01 -23.23
O4 SO4 K . -29.42 -7.17 -21.50
S SO4 L . -29.61 0.79 -16.78
O1 SO4 L . -28.62 0.53 -15.73
O2 SO4 L . -30.94 0.85 -16.20
O3 SO4 L . -29.28 2.06 -17.44
O4 SO4 L . -29.60 -0.28 -17.79
S SO4 M . 5.85 23.93 -9.42
O1 SO4 M . 7.32 23.87 -9.58
O2 SO4 M . 5.48 25.28 -9.01
O3 SO4 M . 5.21 23.66 -10.71
O4 SO4 M . 5.42 22.96 -8.41
S SO4 N . -3.89 4.30 5.71
O1 SO4 N . -3.78 3.34 6.83
O2 SO4 N . -5.04 5.18 5.95
O3 SO4 N . -2.67 5.11 5.57
O4 SO4 N . -4.11 3.52 4.49
S SO4 O . -2.00 -7.37 -13.66
O1 SO4 O . -0.83 -6.60 -13.23
O2 SO4 O . -3.18 -6.88 -12.94
O3 SO4 O . -2.18 -7.20 -15.10
O4 SO4 O . -1.83 -8.79 -13.36
CL CL P . -24.47 12.34 -22.79
S SO4 Q . 28.00 -8.86 13.42
O1 SO4 Q . 28.45 -7.52 13.03
O2 SO4 Q . 26.89 -8.75 14.38
O3 SO4 Q . 29.12 -9.57 14.05
O4 SO4 Q . 27.61 -9.60 12.22
S SO4 R . 27.01 -3.65 23.48
O1 SO4 R . 27.84 -3.27 24.63
O2 SO4 R . 25.85 -2.75 23.46
O3 SO4 R . 27.77 -3.44 22.25
O4 SO4 R . 26.59 -5.06 23.54
N1 A1IWI S . 12.16 -21.35 18.36
C7 A1IWI S . 15.46 -22.77 20.94
C8 A1IWI S . 15.87 -21.08 22.79
N2 A1IWI S . 15.36 -22.21 22.29
C9 A1IWI S . 15.40 -21.00 24.07
O1 A1IWI S . 17.92 -18.99 23.40
C1 A1IWI S . 12.19 -20.67 17.06
C5 A1IWI S . 14.33 -22.63 18.59
C6 A1IWI S . 14.70 -21.91 19.88
N3 A1IWI S . 14.62 -22.85 23.22
C4 A1IWI S . 12.82 -22.69 18.31
C3 A1IWI S . 13.43 -21.35 20.49
O3 A1IWI S . 8.28 -21.03 17.03
C2 A1IWI S . 12.72 -20.51 19.43
N4 A1IWI S . 14.64 -22.11 24.30
N A1IWI S . 10.05 -19.58 17.88
C A1IWI S . 10.92 -19.87 16.72
O A1IWI S . 7.83 -19.55 18.95
C10 A1IWI S . 15.57 -19.99 25.09
C11 A1IWI S . 16.50 -18.98 25.26
C12 A1IWI S . 17.66 -18.51 24.51
C13 A1IWI S . 18.56 -17.47 25.13
C14 A1IWI S . 15.10 -18.83 27.02
C15 A1IWI S . 14.45 -18.44 28.18
C16 A1IWI S . 13.32 -19.15 28.59
C17 A1IWI S . 12.90 -20.20 27.82
C18 A1IWI S . 13.52 -20.61 26.66
C19 A1IWI S . 14.65 -19.90 26.24
C20 A1IWI S . 7.92 -18.50 16.59
C21 A1IWI S . 8.57 -17.28 16.57
C22 A1IWI S . 8.06 -16.25 15.81
C23 A1IWI S . 6.89 -16.42 15.05
C24 A1IWI S . 6.32 -15.30 14.26
C25 A1IWI S . 7.07 -14.66 13.26
C26 A1IWI S . 6.51 -13.64 12.50
C27 A1IWI S . 5.20 -13.26 12.70
C28 A1IWI S . 4.43 -13.88 13.67
C29 A1IWI S . 5.02 -14.86 14.43
C30 A1IWI S . 6.27 -17.66 15.08
C31 A1IWI S . 6.78 -18.70 15.83
F A1IWI S . 11.80 -20.89 28.23
F1 A1IWI S . 4.28 -15.44 15.40
N5 A1IWI S . 16.22 -18.29 26.41
O2 A1IWI S . 8.32 -15.13 12.98
S A1IWI S . 8.46 -19.77 17.69
H15 A1IWI S . 16.50 -22.85 20.67
H14 A1IWI S . 15.07 -23.79 20.94
H16 A1IWI S . 16.51 -20.39 22.24
H4 A1IWI S . 13.04 -20.01 16.98
H3 A1IWI S . 12.38 -21.37 16.24
H11 A1IWI S . 14.83 -22.15 17.75
H12 A1IWI S . 14.73 -23.65 18.61
H13 A1IWI S . 15.39 -21.12 19.59
H10 A1IWI S . 12.33 -23.35 19.02
H9 A1IWI S . 12.63 -23.15 17.33
H8 A1IWI S . 13.66 -20.74 21.37
H7 A1IWI S . 12.80 -22.15 20.85
H5 A1IWI S . 11.96 -19.93 19.94
H6 A1IWI S . 13.44 -19.78 19.05
H A1IWI S . 10.53 -19.29 18.72
H2 A1IWI S . 11.20 -18.94 16.25
H1 A1IWI S . 10.34 -20.42 15.97
H18 A1IWI S . 19.29 -17.07 24.43
H19 A1IWI S . 19.14 -17.84 25.97
H17 A1IWI S . 18.00 -16.61 25.51
H21 A1IWI S . 14.81 -17.60 28.78
H22 A1IWI S . 12.79 -18.85 29.50
H23 A1IWI S . 13.14 -21.45 26.09
H24 A1IWI S . 9.49 -17.13 17.15
H25 A1IWI S . 8.58 -15.30 15.79
H27 A1IWI S . 7.10 -13.12 11.74
H28 A1IWI S . 4.76 -12.47 12.08
H29 A1IWI S . 3.40 -13.60 13.83
H30 A1IWI S . 5.37 -17.83 14.49
H31 A1IWI S . 6.28 -19.68 15.82
H20 A1IWI S . 16.76 -17.50 26.78
H26 A1IWI S . 8.50 -15.91 13.55
S SO4 T . 30.20 -10.52 40.98
O1 SO4 T . 30.62 -9.12 41.10
O2 SO4 T . 28.79 -10.62 41.36
O3 SO4 T . 30.38 -10.99 39.60
O4 SO4 T . 30.97 -11.39 41.87
S SO4 U . 19.55 -15.49 -2.47
O1 SO4 U . 20.82 -15.07 -1.90
O2 SO4 U . 18.40 -15.13 -1.66
O3 SO4 U . 19.42 -14.87 -3.79
O4 SO4 U . 19.57 -16.95 -2.63
S SO4 V . 15.29 -20.51 15.16
O1 SO4 V . 16.74 -20.78 15.28
O2 SO4 V . 14.95 -19.37 15.97
O3 SO4 V . 14.92 -20.23 13.78
O4 SO4 V . 14.51 -21.64 15.65
S SO4 W . 9.25 11.03 27.52
O1 SO4 W . 10.54 10.47 27.87
O2 SO4 W . 8.77 11.78 28.69
O3 SO4 W . 9.46 11.92 26.36
O4 SO4 W . 8.31 9.95 27.18
S SO4 X . 35.60 -6.76 32.99
O1 SO4 X . 36.91 -7.41 32.88
O2 SO4 X . 35.15 -6.72 34.39
O3 SO4 X . 35.67 -5.38 32.50
O4 SO4 X . 34.65 -7.55 32.20
S SO4 Y . 3.26 -12.11 31.42
O1 SO4 Y . 4.69 -12.48 31.48
O2 SO4 Y . 3.05 -11.01 32.36
O3 SO4 Y . 2.82 -11.75 30.06
O4 SO4 Y . 2.42 -13.22 31.85
S SO4 Z . 33.83 -15.88 41.02
O1 SO4 Z . 34.00 -14.53 40.48
O2 SO4 Z . 32.69 -15.95 41.92
O3 SO4 Z . 33.65 -16.81 39.88
O4 SO4 Z . 35.04 -16.30 41.74
S SO4 AA . 25.27 -12.10 12.85
O1 SO4 AA . 26.32 -12.95 13.42
O2 SO4 AA . 25.41 -10.73 13.35
O3 SO4 AA . 25.44 -12.13 11.40
O4 SO4 AA . 23.97 -12.61 13.26
S SO4 BA . 24.39 -19.83 -2.81
O1 SO4 BA . 25.72 -20.46 -2.81
O2 SO4 BA . 24.48 -18.64 -1.97
O3 SO4 BA . 23.99 -19.46 -4.17
O4 SO4 BA . 23.36 -20.74 -2.29
S SO4 CA . 19.57 -23.13 18.44
O1 SO4 CA . 20.96 -22.84 18.06
O2 SO4 CA . 19.22 -22.38 19.63
O3 SO4 CA . 18.65 -22.73 17.36
O4 SO4 CA . 19.43 -24.57 18.69
S SO4 DA . 16.62 -3.34 -10.17
O1 SO4 DA . 15.93 -2.14 -9.66
O2 SO4 DA . 17.87 -2.89 -10.78
O3 SO4 DA . 16.91 -4.32 -9.11
O4 SO4 DA . 15.73 -3.95 -11.16
S SO4 EA . 21.89 7.82 -10.22
O1 SO4 EA . 22.79 7.79 -9.06
O2 SO4 EA . 20.73 6.97 -9.93
O3 SO4 EA . 22.58 7.31 -11.41
O4 SO4 EA . 21.43 9.19 -10.42
#